data_7OL2
#
_entry.id   7OL2
#
_cell.length_a   92.959
_cell.length_b   134.162
_cell.length_c   181.740
_cell.angle_alpha   90.000
_cell.angle_beta   90.000
_cell.angle_gamma   90.000
#
_symmetry.space_group_name_H-M   'P 21 21 21'
#
loop_
_entity.id
_entity.type
_entity.pdbx_description
1 polymer Contactin-1
2 branched alpha-D-mannopyranose-(1-3)-[alpha-D-mannopyranose-(1-6)]beta-D-mannopyranose-(1-4)-2-acetamido-2-deoxy-beta-D-glucopyranose-(1-4)-2-acetamido-2-deoxy-beta-D-glucopyranose
3 branched 2-acetamido-2-deoxy-beta-D-glucopyranose-(1-4)-2-acetamido-2-deoxy-beta-D-glucopyranose
4 branched alpha-D-mannopyranose-(1-3)-beta-D-mannopyranose-(1-4)-2-acetamido-2-deoxy-beta-D-glucopyranose-(1-4)-2-acetamido-2-deoxy-beta-D-glucopyranose
5 non-polymer 2-acetamido-2-deoxy-beta-D-glucopyranose
#
_entity_poly.entity_id   1
_entity_poly.type   'polypeptide(L)'
_entity_poly.pdbx_seq_one_letter_code
;GSDFTWHRRYGHGVSEEDKGFGPIFEEQPINTIYPEESLEGKVSLNCRARASPFPVYKWRMNNGDVDLTNDRYSMVGGNL
VINNPDKQKDAGVYYCLASNNYGMVRSTEATLSFGYLDPFPPEERPEVKVKEGKGMVLLCDPPYHFPDDLSYRWLLNEFP
VFITMDKRRFVSQTNGNLYIANVESSDRGNYSCFVSSPSITKSVFSKFIPLIPIPERTTKPYPADIVVQFKDIYTMMGQN
VTLECFALGNPVPDIRWRKVLEPMPSTAEISTSGAVLKIFNIQLEDEGLYECEAENIRGKDKHQARIYVQAFPEWVEHIN
DTEVDIGSDLYWPCIATGKPIPTIRWLKNGYSYHKGELRLYDVTFENAGMYQCIAENAYGSIYANAELKILALAPTFEMN
PMKKKILAAKGGRVVIECKPKAAPKPKFSWSKGTEWLVNSSRILIWEDGSLEINNITRNDGGIYTCFAENNRGKANSTGT
LVITNPTRIILAPINADITVGENATMQCAASFDPALDLTFVWSFNGYVIDFNKEITHIHYQRNFMLDANGELLIRNAQLK
HAGRYTCTAQTIVDNSSASADLVVRGHHHHHH
;
_entity_poly.pdbx_strand_id   A,B
#
loop_
_chem_comp.id
_chem_comp.type
_chem_comp.name
_chem_comp.formula
BMA D-saccharide, beta linking beta-D-mannopyranose 'C6 H12 O6'
MAN D-saccharide, alpha linking alpha-D-mannopyranose 'C6 H12 O6'
NAG D-saccharide, beta linking 2-acetamido-2-deoxy-beta-D-glucopyranose 'C8 H15 N O6'
#
# COMPACT_ATOMS: atom_id res chain seq x y z
N LYS A 19 9.24 32.88 23.98
CA LYS A 19 8.20 31.96 24.41
C LYS A 19 6.83 32.41 23.88
N GLY A 20 6.80 33.60 23.29
CA GLY A 20 5.53 34.17 22.85
C GLY A 20 4.87 33.36 21.75
N PHE A 21 3.65 33.80 21.42
CA PHE A 21 2.82 33.15 20.41
C PHE A 21 2.06 34.21 19.64
N GLY A 22 2.24 34.23 18.33
CA GLY A 22 1.56 35.19 17.49
C GLY A 22 0.09 34.84 17.33
N PRO A 23 -0.70 35.80 16.83
CA PRO A 23 -2.14 35.55 16.64
C PRO A 23 -2.38 34.54 15.51
N ILE A 24 -3.16 33.51 15.83
CA ILE A 24 -3.55 32.48 14.86
C ILE A 24 -5.06 32.48 14.76
N PHE A 25 -5.57 32.52 13.53
CA PHE A 25 -7.01 32.62 13.30
C PHE A 25 -7.66 31.25 13.44
N GLU A 26 -8.68 31.17 14.30
CA GLU A 26 -9.48 29.95 14.39
C GLU A 26 -10.73 30.06 13.52
N GLU A 27 -11.54 31.08 13.75
CA GLU A 27 -12.75 31.34 12.98
C GLU A 27 -12.57 32.62 12.17
N GLN A 28 -13.00 32.58 10.91
CA GLN A 28 -12.90 33.73 10.03
C GLN A 28 -14.27 34.05 9.42
N PRO A 29 -14.55 35.32 9.15
CA PRO A 29 -15.88 35.69 8.67
C PRO A 29 -16.13 35.17 7.25
N ILE A 30 -17.41 34.89 6.98
CA ILE A 30 -17.84 34.36 5.71
C ILE A 30 -18.86 35.32 5.10
N ASN A 31 -19.01 35.23 3.77
CA ASN A 31 -20.00 36.03 3.07
C ASN A 31 -21.40 35.74 3.62
N THR A 32 -22.16 36.80 3.85
CA THR A 32 -23.46 36.68 4.49
C THR A 32 -24.50 37.53 3.77
N ILE A 33 -25.72 37.00 3.67
CA ILE A 33 -26.88 37.70 3.13
C ILE A 33 -27.92 37.79 4.24
N TYR A 34 -28.44 38.99 4.47
CA TYR A 34 -29.41 39.24 5.53
C TYR A 34 -30.78 39.50 4.93
N PRO A 35 -31.81 38.74 5.28
CA PRO A 35 -33.15 39.04 4.77
C PRO A 35 -33.61 40.42 5.21
N GLU A 36 -34.21 41.16 4.27
CA GLU A 36 -34.66 42.52 4.58
C GLU A 36 -35.75 42.52 5.63
N GLU A 37 -36.64 41.53 5.58
CA GLU A 37 -37.77 41.43 6.50
C GLU A 37 -37.58 40.34 7.55
N SER A 38 -36.34 40.12 7.98
CA SER A 38 -36.06 39.10 8.98
C SER A 38 -36.65 39.49 10.34
N LEU A 39 -36.98 38.47 11.14
CA LEU A 39 -37.47 38.72 12.48
C LEU A 39 -36.38 39.25 13.40
N GLU A 40 -35.18 38.67 13.31
CA GLU A 40 -34.05 39.16 14.08
C GLU A 40 -33.51 40.43 13.46
N GLY A 41 -33.24 41.44 14.30
CA GLY A 41 -32.73 42.71 13.84
C GLY A 41 -31.24 42.90 13.98
N LYS A 42 -30.48 41.83 14.21
CA LYS A 42 -29.04 41.93 14.41
C LYS A 42 -28.34 41.01 13.42
N VAL A 43 -27.23 41.50 12.86
CA VAL A 43 -26.39 40.72 11.96
C VAL A 43 -25.00 40.63 12.56
N SER A 44 -24.49 39.41 12.74
CA SER A 44 -23.23 39.19 13.42
C SER A 44 -22.23 38.54 12.49
N LEU A 45 -21.02 39.10 12.46
CA LEU A 45 -19.89 38.52 11.76
C LEU A 45 -18.89 38.02 12.79
N ASN A 46 -18.41 36.80 12.60
CA ASN A 46 -17.60 36.10 13.60
C ASN A 46 -16.13 36.20 13.25
N CYS A 47 -15.32 36.47 14.28
CA CYS A 47 -13.87 36.54 14.14
C CYS A 47 -13.24 36.11 15.45
N ARG A 48 -12.32 35.14 15.38
CA ARG A 48 -11.70 34.60 16.59
C ARG A 48 -10.27 34.19 16.30
N ALA A 49 -9.38 34.50 17.26
CA ALA A 49 -7.97 34.17 17.15
C ALA A 49 -7.43 33.85 18.53
N ARG A 50 -6.35 33.07 18.54
CA ARG A 50 -5.64 32.71 19.77
C ARG A 50 -4.23 33.27 19.74
N ALA A 51 -3.74 33.62 20.93
CA ALA A 51 -2.37 34.12 21.09
C ALA A 51 -1.99 34.04 22.56
N SER A 52 -0.68 34.00 22.83
CA SER A 52 -0.25 34.01 24.23
C SER A 52 -0.49 35.36 24.89
N PRO A 53 -0.17 36.50 24.28
CA PRO A 53 -0.78 37.74 24.75
C PRO A 53 -2.14 37.91 24.06
N PHE A 54 -3.19 38.02 24.86
CA PHE A 54 -4.54 38.04 24.33
C PHE A 54 -4.67 39.10 23.24
N PRO A 55 -5.24 38.77 22.09
CA PRO A 55 -5.18 39.66 20.93
C PRO A 55 -6.19 40.80 21.04
N VAL A 56 -5.99 41.79 20.17
CA VAL A 56 -6.89 42.93 20.02
C VAL A 56 -7.50 42.84 18.63
N TYR A 57 -8.82 43.06 18.55
CA TYR A 57 -9.57 42.90 17.32
C TYR A 57 -9.94 44.27 16.73
N LYS A 58 -9.81 44.38 15.41
CA LYS A 58 -10.22 45.56 14.68
C LYS A 58 -11.02 45.13 13.46
N TRP A 59 -11.84 46.05 12.95
CA TRP A 59 -12.69 45.76 11.81
C TRP A 59 -12.56 46.85 10.76
N ARG A 60 -12.80 46.48 9.50
CA ARG A 60 -12.80 47.44 8.41
C ARG A 60 -13.97 47.20 7.49
N MET A 61 -14.54 48.30 7.01
CA MET A 61 -15.73 48.34 6.15
C MET A 61 -15.38 49.07 4.86
N ASN A 62 -15.67 48.42 3.73
CA ASN A 62 -15.44 49.00 2.39
C ASN A 62 -14.03 49.57 2.27
N ASN A 63 -13.04 48.77 2.64
CA ASN A 63 -11.62 49.16 2.61
C ASN A 63 -11.38 50.42 3.44
N GLY A 64 -12.12 50.58 4.51
CA GLY A 64 -11.96 51.73 5.38
C GLY A 64 -12.29 51.36 6.81
N ASP A 65 -11.64 52.05 7.75
CA ASP A 65 -11.84 51.75 9.16
C ASP A 65 -13.28 52.05 9.57
N VAL A 66 -13.80 51.24 10.48
CA VAL A 66 -15.16 51.39 10.99
C VAL A 66 -15.10 51.97 12.39
N ASP A 67 -15.94 52.97 12.65
CA ASP A 67 -15.97 53.58 13.98
C ASP A 67 -16.55 52.60 14.99
N LEU A 68 -15.91 52.50 16.15
CA LEU A 68 -16.35 51.56 17.17
C LEU A 68 -17.54 52.10 17.96
N THR A 69 -17.65 53.41 18.13
CA THR A 69 -18.73 54.03 18.89
C THR A 69 -19.74 54.61 17.91
N ASN A 70 -20.75 53.79 17.57
CA ASN A 70 -21.84 54.22 16.71
C ASN A 70 -23.21 53.76 17.20
N ASP A 71 -23.28 53.10 18.36
CA ASP A 71 -24.52 52.59 18.93
C ASP A 71 -25.10 51.48 18.06
N ARG A 72 -25.14 51.68 16.75
CA ARG A 72 -25.56 50.63 15.83
C ARG A 72 -24.64 49.42 15.93
N TYR A 73 -23.33 49.65 15.85
CA TYR A 73 -22.36 48.56 15.94
C TYR A 73 -22.07 48.22 17.40
N SER A 74 -21.70 46.95 17.61
CA SER A 74 -21.31 46.48 18.94
C SER A 74 -20.30 45.34 18.78
N MET A 75 -19.54 45.11 19.85
CA MET A 75 -18.49 44.10 19.87
C MET A 75 -18.87 43.02 20.89
N VAL A 76 -18.73 41.76 20.48
CA VAL A 76 -19.00 40.61 21.33
C VAL A 76 -17.84 39.65 21.16
N GLY A 77 -16.82 39.78 22.01
CA GLY A 77 -15.66 38.91 21.99
C GLY A 77 -15.02 38.76 20.63
N GLY A 78 -14.75 39.88 19.95
CA GLY A 78 -14.18 39.86 18.63
C GLY A 78 -15.19 39.77 17.49
N ASN A 79 -16.45 39.49 17.79
CA ASN A 79 -17.49 39.43 16.76
C ASN A 79 -18.16 40.79 16.62
N LEU A 80 -18.44 41.17 15.37
CA LEU A 80 -19.02 42.46 15.07
C LEU A 80 -20.52 42.30 14.84
N VAL A 81 -21.33 43.00 15.65
CA VAL A 81 -22.78 42.90 15.58
C VAL A 81 -23.32 44.25 15.10
N ILE A 82 -24.27 44.20 14.17
CA ILE A 82 -24.88 45.39 13.59
C ILE A 82 -26.37 45.33 13.86
N ASN A 83 -26.92 46.41 14.39
CA ASN A 83 -28.32 46.50 14.75
C ASN A 83 -29.07 47.32 13.71
N ASN A 84 -30.20 46.81 13.26
CA ASN A 84 -31.04 47.45 12.25
C ASN A 84 -30.21 47.86 11.03
N PRO A 85 -29.65 46.89 10.29
CA PRO A 85 -28.78 47.25 9.17
C PRO A 85 -29.56 47.77 7.98
N ASP A 86 -28.97 48.74 7.28
CA ASP A 86 -29.56 49.38 6.11
C ASP A 86 -28.60 49.26 4.93
N LYS A 87 -29.16 49.03 3.75
CA LYS A 87 -28.35 48.87 2.55
C LYS A 87 -27.44 50.07 2.32
N GLN A 88 -27.97 51.27 2.50
CA GLN A 88 -27.22 52.49 2.24
C GLN A 88 -26.05 52.71 3.19
N LYS A 89 -25.99 51.97 4.30
CA LYS A 89 -24.99 52.24 5.33
C LYS A 89 -24.06 51.07 5.62
N ASP A 90 -24.57 49.86 5.72
CA ASP A 90 -23.79 48.74 6.23
C ASP A 90 -23.37 47.72 5.18
N ALA A 91 -24.15 47.57 4.11
CA ALA A 91 -23.80 46.60 3.07
C ALA A 91 -22.43 46.89 2.49
N GLY A 92 -21.63 45.85 2.33
CA GLY A 92 -20.31 46.02 1.74
C GLY A 92 -19.34 44.97 2.26
N VAL A 93 -18.06 45.27 2.10
CA VAL A 93 -16.98 44.31 2.38
C VAL A 93 -16.41 44.63 3.75
N TYR A 94 -16.42 43.63 4.64
CA TYR A 94 -15.80 43.73 5.95
C TYR A 94 -14.66 42.73 6.05
N TYR A 95 -13.62 43.11 6.79
CA TYR A 95 -12.64 42.12 7.19
C TYR A 95 -12.08 42.46 8.57
N CYS A 96 -11.57 41.43 9.22
CA CYS A 96 -11.15 41.45 10.62
C CYS A 96 -9.63 41.46 10.71
N LEU A 97 -9.12 42.13 11.73
CA LEU A 97 -7.69 42.24 11.97
C LEU A 97 -7.40 41.82 13.41
N ALA A 98 -6.49 40.86 13.56
CA ALA A 98 -6.08 40.39 14.88
C ALA A 98 -4.65 40.84 15.14
N SER A 99 -4.46 41.61 16.20
CA SER A 99 -3.17 42.22 16.50
C SER A 99 -2.72 41.84 17.90
N ASN A 100 -1.43 42.04 18.15
CA ASN A 100 -0.86 41.83 19.49
C ASN A 100 0.50 42.52 19.52
N ASN A 101 1.40 42.01 20.38
CA ASN A 101 2.74 42.57 20.48
C ASN A 101 3.70 42.03 19.42
N TYR A 102 3.27 41.04 18.63
CA TYR A 102 4.15 40.39 17.66
C TYR A 102 3.79 40.68 16.22
N GLY A 103 2.66 41.34 15.96
CA GLY A 103 2.28 41.68 14.61
C GLY A 103 0.78 41.61 14.44
N MET A 104 0.34 41.78 13.19
CA MET A 104 -1.07 41.74 12.82
C MET A 104 -1.31 40.65 11.79
N VAL A 105 -2.55 40.18 11.75
CA VAL A 105 -2.98 39.19 10.77
C VAL A 105 -4.35 39.62 10.26
N ARG A 106 -4.54 39.47 8.94
CA ARG A 106 -5.76 39.86 8.26
C ARG A 106 -6.61 38.62 7.96
N SER A 107 -7.91 38.74 8.18
CA SER A 107 -8.83 37.65 7.87
C SER A 107 -9.28 37.74 6.41
N THR A 108 -9.94 36.68 5.96
CA THR A 108 -10.44 36.66 4.59
C THR A 108 -11.56 37.67 4.43
N GLU A 109 -11.54 38.39 3.31
CA GLU A 109 -12.56 39.40 3.04
C GLU A 109 -13.94 38.75 2.96
N ALA A 110 -14.91 39.33 3.65
CA ALA A 110 -16.26 38.80 3.70
C ALA A 110 -17.24 39.88 3.25
N THR A 111 -18.12 39.51 2.32
CA THR A 111 -19.10 40.43 1.77
C THR A 111 -20.43 40.25 2.48
N LEU A 112 -20.99 41.35 2.96
CA LEU A 112 -22.30 41.37 3.62
C LEU A 112 -23.27 42.10 2.71
N SER A 113 -24.32 41.40 2.30
CA SER A 113 -25.35 41.95 1.43
C SER A 113 -26.72 41.67 2.03
N PHE A 114 -27.74 42.27 1.44
CA PHE A 114 -29.10 42.19 1.96
C PHE A 114 -30.02 41.64 0.88
N GLY A 115 -30.76 40.58 1.22
CA GLY A 115 -31.67 39.96 0.28
C GLY A 115 -32.84 40.88 -0.04
N TYR A 116 -33.19 40.94 -1.32
CA TYR A 116 -34.23 41.84 -1.80
C TYR A 116 -35.19 41.07 -2.69
N LEU A 117 -36.48 41.25 -2.46
CA LEU A 117 -37.52 40.67 -3.30
C LEU A 117 -38.84 41.37 -2.99
N ASP A 118 -39.34 42.13 -3.95
CA ASP A 118 -40.60 42.85 -3.82
C ASP A 118 -41.73 42.06 -4.48
N PRO A 119 -42.97 42.32 -4.09
CA PRO A 119 -44.09 41.60 -4.72
C PRO A 119 -44.34 42.08 -6.14
N PHE A 120 -45.07 41.25 -6.89
CA PHE A 120 -45.42 41.57 -8.26
C PHE A 120 -46.31 42.80 -8.33
N PRO A 121 -46.33 43.48 -9.47
CA PRO A 121 -47.27 44.60 -9.66
C PRO A 121 -48.70 44.09 -9.71
N PRO A 122 -49.63 44.77 -9.02
CA PRO A 122 -51.01 44.28 -8.97
C PRO A 122 -51.81 44.52 -10.24
N GLU A 123 -51.21 45.11 -11.27
CA GLU A 123 -51.93 45.37 -12.51
C GLU A 123 -52.34 44.07 -13.19
N GLU A 124 -53.52 44.08 -13.80
CA GLU A 124 -54.01 42.90 -14.49
C GLU A 124 -53.24 42.65 -15.78
N ARG A 125 -53.12 41.38 -16.14
CA ARG A 125 -52.40 40.98 -17.34
C ARG A 125 -53.37 40.81 -18.51
N PRO A 126 -53.01 41.26 -19.70
CA PRO A 126 -53.92 41.13 -20.85
C PRO A 126 -54.02 39.68 -21.32
N GLU A 127 -55.14 39.39 -21.96
CA GLU A 127 -55.37 38.05 -22.49
C GLU A 127 -54.55 37.83 -23.75
N VAL A 128 -54.21 36.57 -24.00
CA VAL A 128 -53.37 36.17 -25.12
C VAL A 128 -54.09 35.08 -25.90
N LYS A 129 -54.28 35.31 -27.19
CA LYS A 129 -54.88 34.33 -28.09
C LYS A 129 -53.79 33.68 -28.93
N VAL A 130 -53.88 32.36 -29.08
CA VAL A 130 -52.86 31.58 -29.78
C VAL A 130 -53.54 30.69 -30.81
N LYS A 131 -52.96 30.60 -31.99
CA LYS A 131 -53.45 29.71 -33.03
C LYS A 131 -52.99 28.27 -32.73
N GLU A 132 -53.92 27.32 -32.84
CA GLU A 132 -53.60 25.93 -32.57
C GLU A 132 -52.50 25.43 -33.49
N GLY A 133 -51.53 24.73 -32.92
CA GLY A 133 -50.39 24.22 -33.65
C GLY A 133 -49.17 25.12 -33.67
N LYS A 134 -49.24 26.30 -33.04
CA LYS A 134 -48.13 27.24 -32.99
C LYS A 134 -47.69 27.42 -31.55
N GLY A 135 -46.41 27.18 -31.28
CA GLY A 135 -45.89 27.38 -29.94
C GLY A 135 -45.90 28.84 -29.52
N MET A 136 -45.83 29.05 -28.21
CA MET A 136 -45.91 30.39 -27.64
C MET A 136 -44.98 30.51 -26.45
N VAL A 137 -44.75 31.75 -26.04
CA VAL A 137 -43.88 32.09 -24.92
C VAL A 137 -44.65 32.99 -23.96
N LEU A 138 -44.56 32.69 -22.68
CA LEU A 138 -45.23 33.47 -21.63
C LEU A 138 -44.15 34.10 -20.76
N LEU A 139 -44.14 35.43 -20.71
CA LEU A 139 -43.12 36.18 -19.99
C LEU A 139 -43.49 36.29 -18.53
N CYS A 140 -42.56 35.90 -17.65
CA CYS A 140 -42.79 36.01 -16.21
C CYS A 140 -42.68 37.45 -15.75
N ASP A 141 -41.70 38.19 -16.28
CA ASP A 141 -41.40 39.56 -15.85
C ASP A 141 -41.19 39.58 -14.35
N PRO A 142 -40.13 38.96 -13.83
CA PRO A 142 -39.96 38.89 -12.39
C PRO A 142 -39.67 40.27 -11.80
N PRO A 143 -40.00 40.49 -10.55
CA PRO A 143 -39.74 41.79 -9.92
C PRO A 143 -38.26 41.94 -9.58
N TYR A 144 -37.94 43.08 -8.97
CA TYR A 144 -36.56 43.35 -8.59
C TYR A 144 -36.11 42.41 -7.48
N HIS A 145 -34.87 41.96 -7.57
CA HIS A 145 -34.33 41.04 -6.59
C HIS A 145 -32.81 41.19 -6.54
N PHE A 146 -32.25 41.08 -5.33
CA PHE A 146 -30.81 41.15 -5.18
C PHE A 146 -30.17 39.79 -5.41
N PRO A 147 -30.64 38.71 -4.77
CA PRO A 147 -30.05 37.39 -5.08
C PRO A 147 -30.66 36.81 -6.35
N ASP A 148 -29.81 36.39 -7.27
CA ASP A 148 -30.23 35.90 -8.57
C ASP A 148 -30.46 34.39 -8.61
N ASP A 149 -30.44 33.72 -7.46
CA ASP A 149 -30.67 32.28 -7.39
C ASP A 149 -32.17 32.02 -7.22
N LEU A 150 -32.92 32.37 -8.25
CA LEU A 150 -34.37 32.25 -8.25
C LEU A 150 -34.81 30.94 -8.88
N SER A 151 -35.87 30.35 -8.31
CA SER A 151 -36.50 29.16 -8.84
C SER A 151 -37.86 29.55 -9.41
N TYR A 152 -38.13 29.11 -10.64
CA TYR A 152 -39.32 29.49 -11.38
C TYR A 152 -40.23 28.28 -11.55
N ARG A 153 -41.52 28.48 -11.26
CA ARG A 153 -42.56 27.50 -11.50
C ARG A 153 -43.79 28.25 -12.02
N TRP A 154 -44.84 27.51 -12.35
CA TRP A 154 -46.04 28.14 -12.90
C TRP A 154 -47.29 27.50 -12.33
N LEU A 155 -48.30 28.32 -12.08
CA LEU A 155 -49.58 27.90 -11.51
C LEU A 155 -50.69 28.05 -12.55
N LEU A 156 -51.68 27.18 -12.44
CA LEU A 156 -52.82 27.15 -13.35
C LEU A 156 -54.09 27.36 -12.54
N ASN A 157 -54.80 28.45 -12.82
CA ASN A 157 -56.11 28.74 -12.22
C ASN A 157 -56.01 29.06 -10.73
N GLU A 158 -55.51 28.12 -9.94
CA GLU A 158 -55.46 28.27 -8.50
C GLU A 158 -54.03 28.17 -8.00
N PHE A 159 -53.81 28.62 -6.76
CA PHE A 159 -52.46 28.59 -6.19
C PHE A 159 -51.94 27.18 -6.00
N PRO A 160 -52.66 26.25 -5.36
CA PRO A 160 -52.09 24.90 -5.17
C PRO A 160 -51.75 24.20 -6.47
N VAL A 161 -52.43 24.52 -7.57
CA VAL A 161 -52.16 23.87 -8.85
C VAL A 161 -50.83 24.36 -9.40
N PHE A 162 -50.06 23.45 -9.99
CA PHE A 162 -48.79 23.78 -10.62
C PHE A 162 -48.74 23.15 -12.01
N ILE A 163 -47.85 23.67 -12.84
CA ILE A 163 -47.65 23.18 -14.21
C ILE A 163 -46.51 22.17 -14.19
N THR A 164 -46.76 20.99 -14.74
CA THR A 164 -45.73 19.96 -14.82
C THR A 164 -44.87 20.17 -16.05
N MET A 165 -43.58 19.87 -15.92
CA MET A 165 -42.64 20.04 -17.01
C MET A 165 -42.71 18.83 -17.94
N ASP A 166 -43.03 19.09 -19.21
CA ASP A 166 -43.13 18.05 -20.23
C ASP A 166 -42.24 18.39 -21.41
N LYS A 167 -42.30 17.59 -22.47
CA LYS A 167 -41.54 17.94 -23.65
C LYS A 167 -42.15 19.13 -24.38
N ARG A 168 -43.46 19.35 -24.23
CA ARG A 168 -44.10 20.52 -24.83
C ARG A 168 -43.93 21.76 -23.95
N ARG A 169 -44.05 21.61 -22.64
CA ARG A 169 -43.96 22.72 -21.71
C ARG A 169 -42.58 22.75 -21.07
N PHE A 170 -41.91 23.90 -21.17
CA PHE A 170 -40.59 24.08 -20.59
C PHE A 170 -40.55 25.37 -19.79
N VAL A 171 -39.83 25.33 -18.66
CA VAL A 171 -39.69 26.49 -17.79
C VAL A 171 -38.20 26.82 -17.70
N SER A 172 -37.82 27.98 -18.21
CA SER A 172 -36.43 28.41 -18.13
C SER A 172 -36.09 28.85 -16.71
N GLN A 173 -34.89 28.48 -16.26
CA GLN A 173 -34.43 28.84 -14.93
C GLN A 173 -33.67 30.15 -14.90
N THR A 174 -33.38 30.75 -16.06
CA THR A 174 -32.73 32.05 -16.14
C THR A 174 -33.72 33.16 -16.48
N ASN A 175 -34.32 33.11 -17.67
CA ASN A 175 -35.32 34.11 -18.04
C ASN A 175 -36.57 33.98 -17.17
N GLY A 176 -36.97 32.75 -16.84
CA GLY A 176 -38.17 32.51 -16.09
C GLY A 176 -39.43 32.36 -16.91
N ASN A 177 -39.33 32.43 -18.23
CA ASN A 177 -40.49 32.35 -19.10
C ASN A 177 -40.94 30.91 -19.27
N LEU A 178 -42.15 30.74 -19.78
CA LEU A 178 -42.72 29.43 -20.04
C LEU A 178 -42.89 29.26 -21.55
N TYR A 179 -42.31 28.19 -22.09
CA TYR A 179 -42.32 27.95 -23.53
C TYR A 179 -43.17 26.72 -23.83
N ILE A 180 -44.12 26.87 -24.75
CA ILE A 180 -44.98 25.78 -25.20
C ILE A 180 -44.68 25.52 -26.66
N ALA A 181 -44.18 24.32 -26.97
CA ALA A 181 -43.84 23.98 -28.35
C ALA A 181 -45.10 23.78 -29.19
N ASN A 182 -46.07 23.02 -28.67
CA ASN A 182 -47.32 22.75 -29.37
C ASN A 182 -48.48 23.18 -28.47
N VAL A 183 -49.38 23.99 -29.02
CA VAL A 183 -50.53 24.51 -28.27
C VAL A 183 -51.78 23.74 -28.69
N GLU A 184 -52.54 23.28 -27.71
CA GLU A 184 -53.75 22.50 -27.93
C GLU A 184 -54.90 23.14 -27.16
N SER A 185 -56.12 22.65 -27.43
CA SER A 185 -57.30 23.18 -26.75
C SER A 185 -57.22 22.97 -25.25
N SER A 186 -56.58 21.88 -24.81
CA SER A 186 -56.47 21.61 -23.37
C SER A 186 -55.60 22.63 -22.64
N ASP A 187 -54.80 23.42 -23.36
CA ASP A 187 -53.91 24.38 -22.74
C ASP A 187 -54.59 25.68 -22.36
N ARG A 188 -55.84 25.89 -22.75
CA ARG A 188 -56.53 27.13 -22.42
C ARG A 188 -56.67 27.27 -20.91
N GLY A 189 -56.59 28.50 -20.44
CA GLY A 189 -56.76 28.76 -19.02
C GLY A 189 -55.87 29.89 -18.55
N ASN A 190 -55.81 30.05 -17.24
CA ASN A 190 -55.12 31.18 -16.62
C ASN A 190 -53.80 30.71 -16.04
N TYR A 191 -52.70 31.34 -16.48
CA TYR A 191 -51.34 30.94 -16.14
C TYR A 191 -50.68 32.05 -15.33
N SER A 192 -50.11 31.70 -14.18
CA SER A 192 -49.41 32.66 -13.34
C SER A 192 -47.99 32.19 -13.08
N CYS A 193 -47.05 33.14 -13.02
CA CYS A 193 -45.67 32.81 -12.71
C CYS A 193 -45.49 32.69 -11.19
N PHE A 194 -44.46 31.97 -10.79
CA PHE A 194 -44.19 31.74 -9.37
C PHE A 194 -42.69 31.73 -9.16
N VAL A 195 -42.18 32.70 -8.40
CA VAL A 195 -40.75 32.88 -8.20
C VAL A 195 -40.44 32.70 -6.73
N SER A 196 -39.45 31.86 -6.43
CA SER A 196 -39.03 31.60 -5.06
C SER A 196 -37.53 31.81 -4.92
N SER A 197 -37.13 32.45 -3.83
CA SER A 197 -35.73 32.66 -3.51
C SER A 197 -35.39 31.87 -2.24
N PRO A 198 -34.47 30.91 -2.33
CA PRO A 198 -34.11 30.14 -1.12
C PRO A 198 -33.24 30.91 -0.16
N SER A 199 -32.42 31.85 -0.65
CA SER A 199 -31.55 32.62 0.23
C SER A 199 -32.36 33.36 1.30
N ILE A 200 -33.44 34.04 0.89
CA ILE A 200 -34.33 34.69 1.83
C ILE A 200 -35.60 33.91 2.07
N THR A 201 -35.79 32.77 1.39
CA THR A 201 -36.95 31.89 1.58
C THR A 201 -38.26 32.65 1.32
N LYS A 202 -38.31 33.37 0.21
CA LYS A 202 -39.45 34.22 -0.11
C LYS A 202 -40.04 33.82 -1.46
N SER A 203 -41.35 33.65 -1.50
CA SER A 203 -42.05 33.19 -2.70
C SER A 203 -43.19 34.12 -3.04
N VAL A 204 -43.34 34.44 -4.33
CA VAL A 204 -44.40 35.31 -4.80
C VAL A 204 -44.89 34.83 -6.17
N PHE A 205 -46.19 34.96 -6.42
CA PHE A 205 -46.78 34.61 -7.69
C PHE A 205 -47.38 35.86 -8.35
N SER A 206 -47.33 35.89 -9.68
CA SER A 206 -47.78 37.03 -10.46
C SER A 206 -49.28 36.93 -10.74
N LYS A 207 -49.83 37.97 -11.36
CA LYS A 207 -51.22 37.96 -11.78
C LYS A 207 -51.42 36.99 -12.94
N PHE A 208 -52.61 36.40 -12.97
CA PHE A 208 -52.90 35.36 -13.94
C PHE A 208 -53.12 35.94 -15.34
N ILE A 209 -52.60 35.25 -16.34
CA ILE A 209 -52.72 35.60 -17.75
C ILE A 209 -53.73 34.66 -18.37
N PRO A 210 -54.84 35.16 -18.93
CA PRO A 210 -55.75 34.28 -19.67
C PRO A 210 -55.16 33.92 -21.03
N LEU A 211 -55.14 32.62 -21.33
CA LEU A 211 -54.65 32.11 -22.60
C LEU A 211 -55.79 31.37 -23.28
N ILE A 212 -56.13 31.80 -24.49
CA ILE A 212 -57.24 31.26 -25.27
C ILE A 212 -56.68 30.75 -26.60
N PRO A 213 -56.86 29.47 -26.94
CA PRO A 213 -56.45 28.99 -28.25
C PRO A 213 -57.60 28.99 -29.25
N ILE A 214 -57.40 29.66 -30.36
CA ILE A 214 -58.38 29.63 -31.46
C ILE A 214 -58.33 28.27 -32.13
N PRO A 215 -59.45 27.56 -32.27
CA PRO A 215 -59.39 26.22 -32.87
C PRO A 215 -59.12 26.30 -34.36
N GLU A 216 -58.44 25.28 -34.87
CA GLU A 216 -58.13 25.20 -36.30
C GLU A 216 -58.35 23.79 -36.78
N ARG A 217 -58.86 23.66 -38.00
CA ARG A 217 -59.08 22.36 -38.60
C ARG A 217 -57.98 22.09 -39.62
N THR A 218 -57.52 20.84 -39.68
CA THR A 218 -56.36 20.42 -40.47
C THR A 218 -55.17 21.36 -40.20
N THR A 219 -54.60 21.18 -39.01
CA THR A 219 -53.49 22.01 -38.56
C THR A 219 -52.23 21.68 -39.36
N LYS A 220 -51.52 22.73 -39.77
CA LYS A 220 -50.31 22.58 -40.56
C LYS A 220 -49.10 22.49 -39.65
N PRO A 221 -48.16 21.58 -39.94
CA PRO A 221 -46.97 21.46 -39.07
C PRO A 221 -45.98 22.60 -39.29
N TYR A 222 -45.23 22.89 -38.22
CA TYR A 222 -44.26 23.97 -38.20
C TYR A 222 -42.89 23.41 -37.86
N PRO A 223 -41.82 23.92 -38.47
CA PRO A 223 -40.48 23.39 -38.19
C PRO A 223 -40.00 23.79 -36.81
N ALA A 224 -39.05 23.02 -36.29
CA ALA A 224 -38.50 23.27 -34.97
C ALA A 224 -37.58 24.47 -34.99
N ASP A 225 -37.81 25.41 -34.07
CA ASP A 225 -37.00 26.62 -33.96
C ASP A 225 -36.55 26.74 -32.51
N ILE A 226 -35.25 26.81 -32.30
CA ILE A 226 -34.70 26.91 -30.95
C ILE A 226 -34.87 28.33 -30.46
N VAL A 227 -35.68 28.51 -29.41
CA VAL A 227 -35.91 29.83 -28.85
C VAL A 227 -35.18 30.03 -27.52
N VAL A 228 -34.80 28.96 -26.84
CA VAL A 228 -34.06 29.05 -25.59
C VAL A 228 -32.65 28.55 -25.88
N GLN A 229 -31.68 29.46 -25.81
CA GLN A 229 -30.28 29.15 -26.09
C GLN A 229 -29.44 29.40 -24.85
N PHE A 230 -28.26 28.80 -24.83
CA PHE A 230 -27.33 28.92 -23.73
C PHE A 230 -26.01 29.47 -24.28
N LYS A 231 -25.55 30.58 -23.71
CA LYS A 231 -24.40 31.29 -24.24
C LYS A 231 -23.11 30.68 -23.70
N ASP A 232 -21.97 31.30 -24.06
CA ASP A 232 -20.69 30.86 -23.55
C ASP A 232 -20.65 31.01 -22.03
N ILE A 233 -20.21 29.97 -21.34
CA ILE A 233 -20.24 29.95 -19.88
C ILE A 233 -18.85 29.65 -19.35
N TYR A 234 -18.37 30.50 -18.44
CA TYR A 234 -17.17 30.26 -17.67
C TYR A 234 -17.57 29.67 -16.32
N THR A 235 -17.08 28.47 -16.01
CA THR A 235 -17.39 27.81 -14.75
C THR A 235 -16.12 27.27 -14.12
N MET A 236 -16.16 27.12 -12.80
CA MET A 236 -14.99 26.72 -12.04
C MET A 236 -14.95 25.21 -11.89
N MET A 237 -13.75 24.69 -11.65
CA MET A 237 -13.57 23.25 -11.46
C MET A 237 -14.34 22.79 -10.24
N GLY A 238 -14.97 21.61 -10.36
CA GLY A 238 -15.73 21.02 -9.28
C GLY A 238 -17.14 21.55 -9.14
N GLN A 239 -17.52 22.58 -9.89
CA GLN A 239 -18.84 23.16 -9.76
C GLN A 239 -19.84 22.37 -10.60
N ASN A 240 -21.12 22.64 -10.35
CA ASN A 240 -22.23 22.03 -11.06
C ASN A 240 -22.75 22.97 -12.13
N VAL A 241 -22.79 22.49 -13.36
CA VAL A 241 -23.10 23.34 -14.51
C VAL A 241 -24.35 22.81 -15.18
N THR A 242 -25.26 23.70 -15.55
CA THR A 242 -26.50 23.33 -16.20
C THR A 242 -26.67 24.15 -17.46
N LEU A 243 -27.01 23.48 -18.56
CA LEU A 243 -27.22 24.13 -19.85
C LEU A 243 -28.64 23.85 -20.33
N GLU A 244 -29.30 24.90 -20.83
CA GLU A 244 -30.69 24.82 -21.25
C GLU A 244 -30.80 25.05 -22.75
N CYS A 245 -31.61 24.23 -23.41
CA CYS A 245 -31.83 24.34 -24.84
C CYS A 245 -33.23 23.82 -25.15
N PHE A 246 -34.04 24.65 -25.82
CA PHE A 246 -35.42 24.28 -26.09
C PHE A 246 -35.87 24.87 -27.41
N ALA A 247 -36.72 24.12 -28.11
CA ALA A 247 -37.22 24.50 -29.42
C ALA A 247 -38.74 24.37 -29.45
N LEU A 248 -39.34 25.00 -30.45
CA LEU A 248 -40.78 25.03 -30.62
C LEU A 248 -41.15 24.48 -31.99
N GLY A 249 -42.32 23.84 -32.05
CA GLY A 249 -42.82 23.31 -33.31
C GLY A 249 -44.09 22.54 -33.06
N ASN A 250 -44.88 22.42 -34.13
CA ASN A 250 -46.15 21.70 -34.03
C ASN A 250 -45.95 20.23 -33.67
N PRO A 251 -45.06 19.47 -34.31
CA PRO A 251 -44.70 18.16 -33.75
C PRO A 251 -43.67 18.33 -32.65
N VAL A 252 -43.93 17.72 -31.51
CA VAL A 252 -43.09 17.88 -30.32
C VAL A 252 -41.66 17.50 -30.67
N PRO A 253 -40.71 18.44 -30.60
CA PRO A 253 -39.34 18.15 -31.02
C PRO A 253 -38.56 17.38 -29.97
N ASP A 254 -37.59 16.59 -30.45
CA ASP A 254 -36.69 15.85 -29.59
C ASP A 254 -35.32 16.52 -29.58
N ILE A 255 -34.75 16.65 -28.39
CA ILE A 255 -33.49 17.38 -28.19
C ILE A 255 -32.41 16.41 -27.76
N ARG A 256 -31.25 16.51 -28.41
CA ARG A 256 -30.09 15.70 -28.07
C ARG A 256 -28.88 16.60 -27.85
N TRP A 257 -28.06 16.24 -26.88
CA TRP A 257 -26.84 16.98 -26.55
C TRP A 257 -25.63 16.15 -26.95
N ARG A 258 -24.58 16.82 -27.40
CA ARG A 258 -23.37 16.08 -27.75
C ARG A 258 -22.16 16.99 -27.69
N LYS A 259 -21.00 16.35 -27.65
CA LYS A 259 -19.70 17.01 -27.72
C LYS A 259 -19.20 16.92 -29.15
N VAL A 260 -18.43 17.93 -29.57
CA VAL A 260 -18.09 18.07 -30.99
C VAL A 260 -17.23 16.91 -31.45
N LEU A 261 -16.04 16.75 -30.88
CA LEU A 261 -15.11 15.69 -31.28
C LEU A 261 -14.45 15.06 -30.06
N GLU A 262 -15.22 14.87 -28.99
CA GLU A 262 -14.71 14.28 -27.76
C GLU A 262 -15.85 13.56 -27.07
N PRO A 263 -15.55 12.67 -26.13
CA PRO A 263 -16.63 11.99 -25.40
C PRO A 263 -17.24 12.88 -24.34
N MET A 264 -18.54 12.69 -24.12
CA MET A 264 -19.25 13.44 -23.11
C MET A 264 -18.70 13.10 -21.73
N PRO A 265 -18.71 14.04 -20.78
CA PRO A 265 -18.23 13.74 -19.43
C PRO A 265 -19.09 12.67 -18.78
N SER A 266 -18.42 11.78 -18.03
CA SER A 266 -19.13 10.67 -17.40
C SER A 266 -20.24 11.16 -16.49
N THR A 267 -19.99 12.23 -15.73
CA THR A 267 -20.98 12.78 -14.81
C THR A 267 -21.86 13.80 -15.54
N ALA A 268 -22.64 13.29 -16.50
CA ALA A 268 -23.55 14.09 -17.30
C ALA A 268 -24.92 13.43 -17.33
N GLU A 269 -25.97 14.20 -17.07
CA GLU A 269 -27.33 13.69 -17.06
C GLU A 269 -28.17 14.55 -18.00
N ILE A 270 -28.70 13.92 -19.05
CA ILE A 270 -29.50 14.64 -20.04
C ILE A 270 -30.92 14.90 -19.55
N SER A 271 -31.39 14.14 -18.55
CA SER A 271 -32.72 14.28 -17.96
C SER A 271 -33.80 13.73 -18.89
N THR A 272 -35.01 13.56 -18.36
CA THR A 272 -36.09 12.98 -19.15
C THR A 272 -36.57 13.94 -20.24
N SER A 273 -36.71 15.22 -19.92
CA SER A 273 -37.18 16.18 -20.90
C SER A 273 -36.22 16.31 -22.07
N GLY A 274 -34.92 16.22 -21.81
CA GLY A 274 -33.92 16.36 -22.85
C GLY A 274 -33.54 17.79 -23.15
N ALA A 275 -34.10 18.77 -22.44
CA ALA A 275 -33.80 20.17 -22.66
C ALA A 275 -32.74 20.73 -21.72
N VAL A 276 -32.37 20.00 -20.67
CA VAL A 276 -31.40 20.45 -19.69
C VAL A 276 -30.27 19.43 -19.62
N LEU A 277 -29.04 19.93 -19.61
CA LEU A 277 -27.84 19.11 -19.48
C LEU A 277 -27.17 19.47 -18.17
N LYS A 278 -26.98 18.46 -17.31
CA LYS A 278 -26.44 18.65 -15.97
C LYS A 278 -25.05 18.02 -15.90
N ILE A 279 -24.09 18.77 -15.38
CA ILE A 279 -22.72 18.31 -15.21
C ILE A 279 -22.37 18.45 -13.74
N PHE A 280 -22.02 17.35 -13.10
CA PHE A 280 -21.61 17.32 -11.70
C PHE A 280 -20.10 17.17 -11.61
N ASN A 281 -19.51 17.92 -10.68
CA ASN A 281 -18.06 17.89 -10.44
C ASN A 281 -17.30 17.99 -11.76
N ILE A 282 -17.49 19.14 -12.43
CA ILE A 282 -16.88 19.35 -13.73
C ILE A 282 -15.36 19.31 -13.61
N GLN A 283 -14.72 18.66 -14.58
CA GLN A 283 -13.27 18.57 -14.63
C GLN A 283 -12.72 19.56 -15.65
N LEU A 284 -11.39 19.69 -15.65
CA LEU A 284 -10.73 20.56 -16.62
C LEU A 284 -10.86 20.04 -18.05
N GLU A 285 -11.17 18.75 -18.22
CA GLU A 285 -11.30 18.17 -19.54
C GLU A 285 -12.56 18.60 -20.27
N ASP A 286 -13.60 19.02 -19.52
CA ASP A 286 -14.89 19.30 -20.13
C ASP A 286 -14.90 20.59 -20.95
N GLU A 287 -13.85 21.41 -20.87
CA GLU A 287 -13.74 22.60 -21.69
C GLU A 287 -13.93 22.27 -23.17
N GLY A 288 -14.68 23.11 -23.87
CA GLY A 288 -14.84 22.93 -25.30
C GLY A 288 -16.23 23.32 -25.75
N LEU A 289 -16.59 22.83 -26.95
CA LEU A 289 -17.87 23.14 -27.56
C LEU A 289 -18.91 22.07 -27.24
N TYR A 290 -20.11 22.52 -26.92
CA TYR A 290 -21.25 21.64 -26.72
C TYR A 290 -22.34 21.99 -27.72
N GLU A 291 -22.94 20.97 -28.31
CA GLU A 291 -23.92 21.15 -29.39
C GLU A 291 -25.26 20.57 -28.98
N CYS A 292 -26.30 21.39 -29.11
CA CYS A 292 -27.68 20.99 -28.88
C CYS A 292 -28.39 20.88 -30.22
N GLU A 293 -29.06 19.75 -30.46
CA GLU A 293 -29.75 19.49 -31.71
C GLU A 293 -31.21 19.23 -31.43
N ALA A 294 -32.08 19.99 -32.09
CA ALA A 294 -33.53 19.85 -31.98
C ALA A 294 -34.08 19.31 -33.29
N GLU A 295 -34.88 18.25 -33.21
CA GLU A 295 -35.40 17.57 -34.39
C GLU A 295 -36.92 17.49 -34.34
N ASN A 296 -37.53 17.56 -35.51
CA ASN A 296 -38.95 17.25 -35.68
C ASN A 296 -39.12 16.66 -37.08
N ILE A 297 -40.37 16.58 -37.55
CA ILE A 297 -40.64 15.98 -38.85
C ILE A 297 -40.34 16.97 -39.97
N ARG A 298 -40.61 18.26 -39.76
CA ARG A 298 -40.45 19.24 -40.82
C ARG A 298 -38.98 19.62 -41.02
N GLY A 299 -38.27 19.93 -39.93
CA GLY A 299 -36.90 20.37 -40.03
C GLY A 299 -36.13 20.08 -38.76
N LYS A 300 -34.88 20.54 -38.72
CA LYS A 300 -34.05 20.39 -37.55
C LYS A 300 -33.22 21.65 -37.37
N ASP A 301 -32.63 21.79 -36.18
CA ASP A 301 -31.81 22.96 -35.87
C ASP A 301 -30.69 22.53 -34.93
N LYS A 302 -29.58 23.27 -34.98
CA LYS A 302 -28.41 22.98 -34.17
C LYS A 302 -27.88 24.27 -33.58
N HIS A 303 -27.32 24.17 -32.38
CA HIS A 303 -26.75 25.33 -31.68
C HIS A 303 -25.50 24.91 -30.95
N GLN A 304 -24.42 25.69 -31.12
CA GLN A 304 -23.14 25.41 -30.49
C GLN A 304 -22.84 26.47 -29.44
N ALA A 305 -22.18 26.06 -28.36
CA ALA A 305 -21.79 26.98 -27.31
C ALA A 305 -20.45 26.59 -26.73
N ARG A 306 -19.79 27.57 -26.11
CA ARG A 306 -18.46 27.41 -25.52
C ARG A 306 -18.57 27.27 -24.01
N ILE A 307 -17.89 26.26 -23.46
CA ILE A 307 -17.79 26.05 -22.03
C ILE A 307 -16.32 26.15 -21.66
N TYR A 308 -15.98 27.15 -20.85
CA TYR A 308 -14.63 27.36 -20.36
C TYR A 308 -14.54 26.95 -18.90
N VAL A 309 -13.45 26.28 -18.55
CA VAL A 309 -13.24 25.74 -17.21
C VAL A 309 -12.11 26.50 -16.54
N GLN A 310 -12.30 26.84 -15.27
CA GLN A 310 -11.32 27.52 -14.46
C GLN A 310 -11.16 26.75 -13.15
N ALA A 311 -10.14 27.11 -12.38
CA ALA A 311 -9.86 26.42 -11.13
C ALA A 311 -9.39 27.45 -10.09
N PHE A 312 -10.00 27.39 -8.90
CA PHE A 312 -9.59 28.25 -7.81
C PHE A 312 -8.14 27.98 -7.43
N PRO A 313 -7.46 28.96 -6.84
CA PRO A 313 -6.09 28.72 -6.37
C PRO A 313 -6.09 27.71 -5.22
N GLU A 314 -5.23 26.70 -5.34
CA GLU A 314 -5.08 25.68 -4.32
C GLU A 314 -3.63 25.57 -3.90
N TRP A 315 -3.40 25.47 -2.59
CA TRP A 315 -2.05 25.44 -2.06
C TRP A 315 -1.36 24.12 -2.42
N VAL A 316 -0.04 24.20 -2.57
CA VAL A 316 0.81 23.03 -2.77
C VAL A 316 1.72 22.81 -1.56
N GLU A 317 2.37 23.89 -1.09
CA GLU A 317 3.22 23.85 0.10
C GLU A 317 2.99 25.16 0.86
N HIS A 318 1.87 25.22 1.59
CA HIS A 318 1.53 26.43 2.33
C HIS A 318 2.46 26.60 3.53
N ILE A 319 2.63 27.86 3.95
CA ILE A 319 3.61 28.19 4.96
C ILE A 319 3.12 27.76 6.34
N ASN A 320 4.07 27.40 7.21
CA ASN A 320 3.80 27.03 8.59
C ASN A 320 4.76 27.78 9.51
N ASP A 321 4.38 27.87 10.78
CA ASP A 321 5.20 28.52 11.80
C ASP A 321 6.63 28.01 11.76
N THR A 322 7.57 28.92 11.49
CA THR A 322 8.97 28.56 11.29
C THR A 322 9.86 29.38 12.21
N GLU A 323 10.98 28.78 12.60
CA GLU A 323 11.94 29.40 13.50
C GLU A 323 13.34 29.17 12.94
N VAL A 324 14.09 30.26 12.76
CA VAL A 324 15.38 30.23 12.08
C VAL A 324 16.42 30.95 12.94
N ASP A 325 17.68 30.64 12.68
CA ASP A 325 18.80 31.23 13.38
C ASP A 325 19.25 32.52 12.70
N ILE A 326 20.00 33.33 13.45
CA ILE A 326 20.46 34.62 12.95
C ILE A 326 21.60 34.41 11.95
N GLY A 327 21.67 35.29 10.95
CA GLY A 327 22.71 35.22 9.94
C GLY A 327 22.53 34.13 8.90
N SER A 328 21.49 33.32 9.02
CA SER A 328 21.24 32.23 8.08
C SER A 328 20.27 32.71 7.01
N ASP A 329 20.61 32.42 5.75
CA ASP A 329 19.73 32.80 4.66
C ASP A 329 18.44 31.99 4.71
N LEU A 330 17.33 32.66 4.41
CA LEU A 330 16.00 32.07 4.54
C LEU A 330 15.27 32.13 3.20
N TYR A 331 14.64 31.02 2.83
CA TYR A 331 13.79 30.93 1.64
C TYR A 331 12.41 30.48 2.07
N TRP A 332 11.40 31.27 1.75
CA TRP A 332 10.02 30.92 2.07
C TRP A 332 9.37 30.30 0.84
N PRO A 333 9.00 29.01 0.87
CA PRO A 333 8.29 28.44 -0.27
C PRO A 333 6.78 28.61 -0.19
N CYS A 334 6.23 29.46 -1.06
CA CYS A 334 4.78 29.65 -1.15
C CYS A 334 4.36 29.33 -2.58
N ILE A 335 3.63 28.23 -2.76
CA ILE A 335 3.28 27.73 -4.08
C ILE A 335 1.79 27.46 -4.14
N ALA A 336 1.12 28.01 -5.16
CA ALA A 336 -0.28 27.77 -5.41
C ALA A 336 -0.49 27.50 -6.89
N THR A 337 -1.56 26.76 -7.20
CA THR A 337 -1.87 26.37 -8.57
C THR A 337 -3.32 26.71 -8.89
N GLY A 338 -3.53 27.21 -10.10
CA GLY A 338 -4.87 27.49 -10.60
C GLY A 338 -4.87 27.53 -12.10
N LYS A 339 -6.06 27.36 -12.69
CA LYS A 339 -6.19 27.40 -14.14
C LYS A 339 -5.69 28.71 -14.72
N PRO A 340 -6.06 29.89 -14.18
CA PRO A 340 -5.30 31.10 -14.50
C PRO A 340 -4.16 31.28 -13.52
N ILE A 341 -2.94 31.42 -14.01
CA ILE A 341 -1.75 31.48 -13.17
C ILE A 341 -1.93 32.50 -12.07
N PRO A 342 -1.93 32.09 -10.81
CA PRO A 342 -2.19 33.04 -9.71
C PRO A 342 -0.96 33.84 -9.35
N THR A 343 -1.19 35.09 -8.99
CA THR A 343 -0.13 35.97 -8.53
C THR A 343 0.06 35.80 -7.03
N ILE A 344 1.31 35.91 -6.59
CA ILE A 344 1.69 35.68 -5.20
C ILE A 344 2.14 37.00 -4.60
N ARG A 345 1.64 37.30 -3.41
CA ARG A 345 1.96 38.53 -2.69
C ARG A 345 2.33 38.19 -1.25
N TRP A 346 3.16 39.02 -0.64
CA TRP A 346 3.63 38.80 0.72
C TRP A 346 3.35 40.04 1.55
N LEU A 347 2.54 39.88 2.60
CA LEU A 347 2.25 40.93 3.56
C LEU A 347 3.00 40.64 4.86
N LYS A 348 3.44 41.71 5.52
CA LYS A 348 4.07 41.61 6.84
C LYS A 348 3.28 42.47 7.81
N ASN A 349 2.68 41.83 8.82
CA ASN A 349 1.88 42.52 9.83
C ASN A 349 0.75 43.33 9.20
N GLY A 350 0.17 42.78 8.14
CA GLY A 350 -0.98 43.42 7.50
C GLY A 350 -0.63 44.47 6.47
N TYR A 351 0.60 44.50 5.98
CA TYR A 351 1.03 45.49 5.00
C TYR A 351 1.88 44.81 3.93
N SER A 352 1.75 45.30 2.70
CA SER A 352 2.49 44.72 1.58
C SER A 352 3.99 44.70 1.87
N TYR A 353 4.63 43.59 1.53
CA TYR A 353 6.04 43.41 1.84
C TYR A 353 6.84 42.96 0.61
N HIS A 354 6.33 41.95 -0.09
CA HIS A 354 7.07 41.38 -1.21
C HIS A 354 6.13 41.00 -2.34
N LYS A 355 6.70 40.90 -3.55
CA LYS A 355 5.95 40.69 -4.77
C LYS A 355 5.87 39.23 -5.18
N GLY A 356 6.49 38.32 -4.43
CA GLY A 356 6.44 36.91 -4.72
C GLY A 356 7.82 36.28 -4.52
N GLU A 357 7.82 35.00 -4.14
CA GLU A 357 9.04 34.25 -3.85
C GLU A 357 9.96 35.04 -2.92
N LEU A 358 9.48 35.18 -1.68
CA LEU A 358 10.25 35.91 -0.67
C LEU A 358 11.52 35.16 -0.32
N ARG A 359 12.64 35.86 -0.37
CA ARG A 359 13.93 35.28 -0.03
C ARG A 359 14.71 36.29 0.80
N LEU A 360 15.17 35.86 1.97
CA LEU A 360 15.84 36.73 2.92
C LEU A 360 17.29 36.28 3.13
N TYR A 361 18.18 37.24 3.29
CA TYR A 361 19.59 36.97 3.53
C TYR A 361 20.03 37.72 4.79
N ASP A 362 20.98 37.12 5.52
CA ASP A 362 21.50 37.69 6.75
C ASP A 362 20.36 38.11 7.68
N VAL A 363 19.55 37.11 8.06
CA VAL A 363 18.36 37.37 8.86
C VAL A 363 18.75 38.00 10.19
N THR A 364 17.94 38.93 10.66
CA THR A 364 18.15 39.65 11.91
C THR A 364 16.87 39.61 12.73
N PHE A 365 16.92 40.22 13.92
CA PHE A 365 15.72 40.29 14.76
C PHE A 365 14.60 41.08 14.09
N GLU A 366 14.96 42.02 13.21
CA GLU A 366 13.96 42.84 12.55
C GLU A 366 13.02 42.01 11.67
N ASN A 367 13.54 40.94 11.05
CA ASN A 367 12.73 40.16 10.13
C ASN A 367 11.66 39.35 10.86
N ALA A 368 11.88 39.00 12.12
CA ALA A 368 10.90 38.20 12.86
C ALA A 368 9.55 38.91 12.93
N GLY A 369 8.48 38.12 12.88
CA GLY A 369 7.14 38.67 12.96
C GLY A 369 6.11 37.73 12.37
N MET A 370 5.06 38.33 11.82
CA MET A 370 3.95 37.61 11.21
C MET A 370 3.95 37.84 9.70
N TYR A 371 3.94 36.76 8.93
CA TYR A 371 4.00 36.85 7.48
C TYR A 371 2.80 36.16 6.86
N GLN A 372 2.24 36.79 5.82
CA GLN A 372 1.00 36.35 5.20
C GLN A 372 1.22 36.25 3.70
N CYS A 373 1.14 35.04 3.15
CA CYS A 373 1.26 34.81 1.72
C CYS A 373 -0.14 34.72 1.12
N ILE A 374 -0.41 35.57 0.14
CA ILE A 374 -1.69 35.57 -0.57
C ILE A 374 -1.45 35.09 -1.99
N ALA A 375 -2.30 34.19 -2.47
CA ALA A 375 -2.26 33.71 -3.85
C ALA A 375 -3.61 34.01 -4.48
N GLU A 376 -3.64 34.92 -5.44
CA GLU A 376 -4.89 35.37 -6.04
C GLU A 376 -4.81 35.36 -7.55
N ASN A 377 -5.81 34.77 -8.19
CA ASN A 377 -5.99 34.85 -9.63
C ASN A 377 -7.07 35.88 -9.94
N ALA A 378 -7.61 35.83 -11.16
CA ALA A 378 -8.68 36.75 -11.54
C ALA A 378 -10.04 36.33 -10.99
N TYR A 379 -10.12 35.17 -10.34
CA TYR A 379 -11.40 34.63 -9.86
C TYR A 379 -11.47 34.49 -8.35
N GLY A 380 -10.40 34.01 -7.70
CA GLY A 380 -10.42 33.83 -6.27
C GLY A 380 -9.06 34.13 -5.65
N SER A 381 -9.04 34.21 -4.33
CA SER A 381 -7.83 34.48 -3.58
C SER A 381 -7.79 33.58 -2.35
N ILE A 382 -6.59 33.13 -2.00
CA ILE A 382 -6.38 32.26 -0.85
C ILE A 382 -5.31 32.88 0.03
N TYR A 383 -5.52 32.81 1.35
CA TYR A 383 -4.61 33.35 2.35
C TYR A 383 -3.85 32.22 3.02
N ALA A 384 -2.64 32.54 3.48
CA ALA A 384 -1.85 31.61 4.29
C ALA A 384 -1.09 32.43 5.32
N ASN A 385 -1.34 32.17 6.59
CA ASN A 385 -0.75 32.93 7.68
C ASN A 385 0.33 32.10 8.37
N ALA A 386 1.42 32.74 8.78
CA ALA A 386 2.47 32.03 9.49
C ALA A 386 3.26 33.03 10.32
N GLU A 387 4.09 32.50 11.21
CA GLU A 387 4.93 33.29 12.09
C GLU A 387 6.38 32.88 11.91
N LEU A 388 7.25 33.86 11.71
CA LEU A 388 8.68 33.65 11.56
C LEU A 388 9.37 34.14 12.82
N LYS A 389 10.01 33.23 13.55
CA LYS A 389 10.72 33.56 14.76
C LYS A 389 12.23 33.43 14.53
N ILE A 390 12.99 34.27 15.22
CA ILE A 390 14.44 34.28 15.12
C ILE A 390 15.03 33.89 16.47
N LEU A 391 16.01 32.99 16.45
CA LEU A 391 16.64 32.49 17.67
C LEU A 391 18.08 32.96 17.77
N ALA A 392 18.47 33.39 18.97
CA ALA A 392 19.85 33.74 19.30
C ALA A 392 20.27 32.90 20.49
N LEU A 393 21.23 32.00 20.29
CA LEU A 393 21.63 31.07 21.33
C LEU A 393 23.14 30.91 21.35
N ALA A 394 23.69 30.80 22.56
CA ALA A 394 25.10 30.51 22.71
C ALA A 394 25.38 29.05 22.35
N PRO A 395 26.59 28.75 21.85
CA PRO A 395 26.88 27.36 21.46
C PRO A 395 26.85 26.44 22.66
N THR A 396 26.13 25.32 22.51
CA THR A 396 26.00 24.34 23.57
C THR A 396 26.11 22.94 22.97
N PHE A 397 26.70 22.03 23.74
CA PHE A 397 26.87 20.64 23.32
C PHE A 397 25.97 19.69 24.10
N GLU A 398 24.96 20.22 24.79
CA GLU A 398 24.10 19.37 25.61
C GLU A 398 23.31 18.39 24.75
N MET A 399 22.78 18.86 23.61
CA MET A 399 21.97 18.00 22.76
C MET A 399 22.82 17.07 21.90
N ASN A 400 23.89 17.57 21.29
CA ASN A 400 24.75 16.80 20.40
C ASN A 400 26.19 16.88 20.90
N PRO A 401 26.53 16.18 21.97
CA PRO A 401 27.90 16.21 22.48
C PRO A 401 28.84 15.41 21.60
N MET A 402 30.13 15.65 21.78
CA MET A 402 31.16 14.92 21.06
C MET A 402 31.17 13.45 21.46
N LYS A 403 31.48 12.60 20.49
CA LYS A 403 31.57 11.17 20.76
C LYS A 403 32.78 10.87 21.63
N LYS A 404 32.56 10.14 22.72
CA LYS A 404 33.65 9.85 23.66
C LYS A 404 34.77 9.09 22.99
N LYS A 405 34.44 8.02 22.27
CA LYS A 405 35.44 7.16 21.63
C LYS A 405 35.18 7.11 20.13
N ILE A 406 36.23 7.32 19.35
CA ILE A 406 36.17 7.27 17.89
C ILE A 406 37.16 6.23 17.41
N LEU A 407 36.72 5.38 16.49
CA LEU A 407 37.55 4.30 15.96
C LEU A 407 38.05 4.67 14.57
N ALA A 408 39.34 4.45 14.34
CA ALA A 408 39.98 4.82 13.07
C ALA A 408 40.94 3.71 12.66
N ALA A 409 41.40 3.79 11.42
CA ALA A 409 42.36 2.84 10.87
C ALA A 409 43.47 3.61 10.14
N LYS A 410 44.62 2.96 10.02
CA LYS A 410 45.75 3.58 9.34
C LYS A 410 45.46 3.77 7.86
N GLY A 411 45.93 4.90 7.32
CA GLY A 411 45.77 5.17 5.91
C GLY A 411 44.35 5.45 5.47
N GLY A 412 43.42 5.62 6.40
CA GLY A 412 42.02 5.87 6.07
C GLY A 412 41.59 7.25 6.56
N ARG A 413 40.83 7.94 5.73
CA ARG A 413 40.33 9.26 6.08
C ARG A 413 39.27 9.15 7.18
N VAL A 414 39.29 10.08 8.13
CA VAL A 414 38.36 10.08 9.25
C VAL A 414 37.82 11.49 9.45
N VAL A 415 36.53 11.58 9.76
CA VAL A 415 35.84 12.85 10.01
C VAL A 415 35.22 12.78 11.39
N ILE A 416 35.52 13.77 12.23
CA ILE A 416 35.00 13.87 13.58
C ILE A 416 33.97 14.99 13.60
N GLU A 417 32.75 14.67 14.03
CA GLU A 417 31.64 15.60 13.99
C GLU A 417 31.57 16.39 15.29
N CYS A 418 31.48 17.73 15.16
CA CYS A 418 31.35 18.65 16.30
C CYS A 418 30.28 19.66 15.92
N LYS A 419 29.02 19.27 16.09
CA LYS A 419 27.88 20.10 15.70
C LYS A 419 27.18 20.65 16.92
N PRO A 420 27.46 21.88 17.34
CA PRO A 420 26.74 22.49 18.46
C PRO A 420 25.50 23.25 17.99
N LYS A 421 24.65 23.60 18.95
CA LYS A 421 23.47 24.41 18.70
C LYS A 421 23.84 25.88 18.87
N ALA A 422 24.18 26.55 17.77
CA ALA A 422 24.56 27.94 17.81
C ALA A 422 23.85 28.70 16.69
N ALA A 423 23.49 29.94 16.97
CA ALA A 423 22.67 30.71 16.05
C ALA A 423 23.49 31.33 14.91
N PRO A 424 24.51 32.17 15.19
CA PRO A 424 25.13 32.93 14.10
C PRO A 424 26.25 32.19 13.38
N LYS A 425 26.25 30.85 13.43
CA LYS A 425 27.27 30.02 12.80
C LYS A 425 28.65 30.42 13.32
N PRO A 426 29.02 29.96 14.51
CA PRO A 426 30.25 30.45 15.15
C PRO A 426 31.49 29.87 14.50
N LYS A 427 32.64 30.39 14.92
CA LYS A 427 33.91 29.90 14.43
C LYS A 427 34.39 28.71 15.23
N PHE A 428 35.06 27.77 14.56
CA PHE A 428 35.46 26.52 15.15
C PHE A 428 36.98 26.40 15.18
N SER A 429 37.49 25.76 16.23
CA SER A 429 38.90 25.46 16.36
C SER A 429 39.05 24.08 17.00
N TRP A 430 40.18 23.44 16.73
CA TRP A 430 40.46 22.11 17.24
C TRP A 430 41.83 22.11 17.91
N SER A 431 41.92 21.45 19.06
CA SER A 431 43.16 21.42 19.82
C SER A 431 43.44 20.01 20.33
N LYS A 432 44.67 19.54 20.10
CA LYS A 432 45.09 18.21 20.57
C LYS A 432 45.52 18.32 22.02
N GLY A 433 44.54 18.58 22.88
CA GLY A 433 44.79 18.69 24.31
C GLY A 433 45.52 19.95 24.69
N THR A 434 46.82 20.01 24.38
CA THR A 434 47.65 21.16 24.72
C THR A 434 48.20 21.91 23.51
N GLU A 435 47.91 21.47 22.30
CA GLU A 435 48.40 22.11 21.09
C GLU A 435 47.23 22.42 20.16
N TRP A 436 47.31 23.58 19.50
CA TRP A 436 46.26 24.02 18.61
C TRP A 436 46.54 23.56 17.18
N LEU A 437 45.49 23.09 16.52
CA LEU A 437 45.58 22.61 15.14
C LEU A 437 45.20 23.73 14.18
N VAL A 438 45.79 23.68 12.98
CA VAL A 438 45.53 24.65 11.93
C VAL A 438 45.39 23.90 10.61
N ASN A 439 44.96 24.64 9.59
CA ASN A 439 44.82 24.05 8.26
C ASN A 439 46.17 23.58 7.74
N SER A 440 46.20 22.36 7.21
CA SER A 440 47.45 21.72 6.81
C SER A 440 47.20 20.94 5.52
N SER A 441 48.20 20.16 5.11
CA SER A 441 48.08 19.37 3.89
C SER A 441 47.14 18.20 4.07
N ARG A 442 47.43 17.32 5.03
CA ARG A 442 46.60 16.16 5.29
C ARG A 442 45.49 16.43 6.29
N ILE A 443 45.59 17.50 7.07
CA ILE A 443 44.60 17.87 8.07
C ILE A 443 43.86 19.11 7.59
N LEU A 444 42.54 19.00 7.46
CA LEU A 444 41.70 20.10 6.99
C LEU A 444 40.53 20.25 7.93
N ILE A 445 40.25 21.49 8.33
CA ILE A 445 39.12 21.81 9.19
C ILE A 445 38.15 22.63 8.36
N TRP A 446 37.11 21.99 7.83
CA TRP A 446 36.09 22.70 7.09
C TRP A 446 35.18 23.48 8.06
N GLU A 447 34.38 24.38 7.48
CA GLU A 447 33.68 25.38 8.27
C GLU A 447 32.46 24.85 9.01
N ASP A 448 31.97 23.66 8.67
CA ASP A 448 30.79 23.13 9.36
C ASP A 448 31.08 22.71 10.80
N GLY A 449 32.36 22.65 11.20
CA GLY A 449 32.74 22.34 12.55
C GLY A 449 33.45 21.01 12.71
N SER A 450 33.30 20.10 11.76
CA SER A 450 33.94 18.80 11.85
C SER A 450 35.42 18.90 11.50
N LEU A 451 36.16 17.85 11.83
CA LEU A 451 37.60 17.79 11.60
C LEU A 451 37.94 16.59 10.73
N GLU A 452 38.73 16.80 9.69
CA GLU A 452 39.13 15.76 8.76
C GLU A 452 40.61 15.43 8.93
N ILE A 453 40.92 14.14 8.94
CA ILE A 453 42.31 13.67 9.04
C ILE A 453 42.52 12.61 7.97
N ASN A 454 43.61 12.74 7.21
CA ASN A 454 43.97 11.81 6.16
C ASN A 454 45.30 11.14 6.49
N ASN A 455 45.44 9.90 6.04
CA ASN A 455 46.64 9.09 6.28
C ASN A 455 47.01 9.11 7.77
N ILE A 456 46.16 8.47 8.56
CA ILE A 456 46.30 8.50 10.00
C ILE A 456 47.44 7.60 10.44
N THR A 457 48.09 7.97 11.54
CA THR A 457 49.18 7.21 12.12
C THR A 457 48.91 7.01 13.61
N ARG A 458 49.68 6.12 14.23
CA ARG A 458 49.48 5.83 15.65
C ARG A 458 49.73 7.05 16.51
N ASN A 459 50.58 7.97 16.05
CA ASN A 459 50.82 9.20 16.80
C ASN A 459 49.61 10.13 16.79
N ASP A 460 48.69 9.95 15.85
CA ASP A 460 47.51 10.81 15.78
C ASP A 460 46.50 10.49 16.86
N GLY A 461 46.41 9.23 17.29
CA GLY A 461 45.44 8.88 18.31
C GLY A 461 45.69 9.63 19.60
N GLY A 462 44.59 10.05 20.25
CA GLY A 462 44.70 10.80 21.48
C GLY A 462 43.42 11.56 21.74
N ILE A 463 43.54 12.58 22.60
CA ILE A 463 42.40 13.38 23.04
C ILE A 463 42.36 14.66 22.21
N TYR A 464 41.22 14.90 21.56
CA TYR A 464 40.98 16.11 20.79
C TYR A 464 39.83 16.90 21.38
N THR A 465 39.99 18.22 21.42
CA THR A 465 38.99 19.12 21.99
C THR A 465 38.52 20.07 20.91
N CYS A 466 37.20 20.18 20.78
CA CYS A 466 36.56 21.08 19.83
C CYS A 466 36.11 22.33 20.58
N PHE A 467 36.58 23.50 20.12
CA PHE A 467 36.22 24.78 20.70
C PHE A 467 35.37 25.54 19.70
N ALA A 468 34.26 26.10 20.17
CA ALA A 468 33.35 26.90 19.34
C ALA A 468 33.27 28.29 19.95
N GLU A 469 33.77 29.28 19.22
CA GLU A 469 33.75 30.68 19.66
C GLU A 469 32.65 31.41 18.92
N ASN A 470 31.77 32.07 19.68
CA ASN A 470 30.61 32.76 19.14
C ASN A 470 30.56 34.18 19.68
N ASN A 471 29.79 35.03 18.98
CA ASN A 471 29.53 36.37 19.48
C ASN A 471 28.97 36.34 20.90
N ARG A 472 28.10 35.38 21.18
CA ARG A 472 27.50 35.20 22.50
C ARG A 472 28.03 33.89 23.08
N GLY A 473 29.14 33.98 23.81
CA GLY A 473 29.66 32.85 24.56
C GLY A 473 30.53 31.92 23.73
N LYS A 474 31.12 30.95 24.42
CA LYS A 474 31.97 29.95 23.81
C LYS A 474 31.66 28.59 24.45
N ALA A 475 32.06 27.53 23.77
CA ALA A 475 31.81 26.18 24.25
C ALA A 475 33.00 25.29 23.94
N ASN A 476 33.30 24.36 24.85
CA ASN A 476 34.38 23.41 24.66
C ASN A 476 33.87 21.99 24.89
N SER A 477 34.25 21.08 24.01
CA SER A 477 33.87 19.68 24.11
C SER A 477 35.10 18.81 23.93
N THR A 478 35.11 17.67 24.63
CA THR A 478 36.26 16.78 24.65
C THR A 478 35.87 15.44 24.03
N GLY A 479 36.81 14.83 23.30
CA GLY A 479 36.61 13.51 22.76
C GLY A 479 37.94 12.79 22.64
N THR A 480 37.86 11.47 22.55
CA THR A 480 39.05 10.63 22.46
C THR A 480 38.95 9.77 21.20
N LEU A 481 40.01 9.79 20.39
CA LEU A 481 40.10 9.01 19.17
C LEU A 481 41.19 7.97 19.34
N VAL A 482 40.84 6.71 19.14
CA VAL A 482 41.78 5.59 19.21
C VAL A 482 41.95 5.02 17.80
N ILE A 483 43.16 4.61 17.47
CA ILE A 483 43.50 4.10 16.15
C ILE A 483 43.87 2.63 16.27
N THR A 484 43.46 1.84 15.29
CA THR A 484 43.72 0.41 15.26
C THR A 484 44.34 0.03 13.93
N ASN A 485 44.85 -1.19 13.86
CA ASN A 485 45.45 -1.68 12.63
C ASN A 485 44.37 -1.88 11.55
N PRO A 486 44.71 -1.67 10.29
CA PRO A 486 43.73 -1.87 9.22
C PRO A 486 43.50 -3.34 8.94
N THR A 487 42.28 -3.63 8.48
CA THR A 487 41.90 -4.99 8.13
C THR A 487 42.22 -5.24 6.66
N ARG A 488 43.08 -6.23 6.39
CA ARG A 488 43.47 -6.55 5.04
C ARG A 488 43.29 -8.04 4.81
N ILE A 489 43.48 -8.46 3.57
CA ILE A 489 43.29 -9.85 3.16
C ILE A 489 44.66 -10.44 2.83
N ILE A 490 45.08 -11.44 3.61
CA ILE A 490 46.37 -12.08 3.36
C ILE A 490 46.27 -13.05 2.20
N LEU A 491 45.29 -13.94 2.23
CA LEU A 491 45.06 -14.91 1.17
C LEU A 491 43.75 -14.56 0.46
N ALA A 492 43.84 -14.33 -0.84
CA ALA A 492 42.72 -13.94 -1.68
C ALA A 492 42.11 -15.17 -2.35
N PRO A 493 40.88 -15.07 -2.85
CA PRO A 493 40.28 -16.23 -3.51
C PRO A 493 40.92 -16.50 -4.86
N ILE A 494 40.95 -17.78 -5.24
CA ILE A 494 41.59 -18.24 -6.46
C ILE A 494 40.50 -18.57 -7.47
N ASN A 495 40.68 -18.10 -8.71
CA ASN A 495 39.75 -18.43 -9.78
C ASN A 495 39.73 -19.93 -10.01
N ALA A 496 38.57 -20.45 -10.41
CA ALA A 496 38.42 -21.88 -10.61
C ALA A 496 37.50 -22.16 -11.79
N ASP A 497 37.79 -23.26 -12.49
CA ASP A 497 36.98 -23.74 -13.61
C ASP A 497 36.64 -25.20 -13.34
N ILE A 498 35.35 -25.54 -13.40
CA ILE A 498 34.88 -26.90 -13.13
C ILE A 498 33.69 -27.19 -14.05
N THR A 499 33.24 -28.44 -14.03
CA THR A 499 32.06 -28.86 -14.77
C THR A 499 30.84 -28.80 -13.85
N VAL A 500 29.69 -29.20 -14.40
CA VAL A 500 28.45 -29.20 -13.63
C VAL A 500 28.45 -30.38 -12.68
N GLY A 501 28.04 -30.14 -11.44
CA GLY A 501 27.99 -31.18 -10.44
C GLY A 501 29.23 -31.31 -9.59
N GLU A 502 30.20 -30.42 -9.74
CA GLU A 502 31.47 -30.52 -9.02
C GLU A 502 31.41 -29.71 -7.73
N ASN A 503 32.42 -29.91 -6.89
CA ASN A 503 32.59 -29.18 -5.64
C ASN A 503 33.68 -28.14 -5.79
N ALA A 504 33.37 -26.90 -5.39
CA ALA A 504 34.32 -25.80 -5.47
C ALA A 504 34.51 -25.21 -4.08
N THR A 505 35.73 -24.74 -3.82
CA THR A 505 36.07 -24.14 -2.54
C THR A 505 36.73 -22.79 -2.79
N MET A 506 36.23 -21.75 -2.15
CA MET A 506 36.81 -20.42 -2.23
C MET A 506 37.42 -20.05 -0.89
N GLN A 507 38.68 -19.63 -0.91
CA GLN A 507 39.44 -19.35 0.31
C GLN A 507 39.52 -17.86 0.56
N CYS A 508 39.44 -17.48 1.83
CA CYS A 508 39.55 -16.08 2.23
C CYS A 508 40.10 -16.02 3.64
N ALA A 509 41.21 -15.30 3.82
CA ALA A 509 41.83 -15.14 5.12
C ALA A 509 42.27 -13.70 5.29
N ALA A 510 42.00 -13.13 6.47
CA ALA A 510 42.22 -11.71 6.70
C ALA A 510 43.03 -11.49 7.98
N SER A 511 43.73 -10.36 8.01
CA SER A 511 44.44 -9.89 9.19
C SER A 511 43.77 -8.62 9.71
N PHE A 512 43.60 -8.55 11.03
CA PHE A 512 42.86 -7.49 11.67
C PHE A 512 43.42 -7.23 13.06
N ASP A 513 42.92 -6.18 13.71
CA ASP A 513 43.32 -5.87 15.08
C ASP A 513 42.51 -6.74 16.03
N PRO A 514 43.15 -7.38 17.02
CA PRO A 514 42.40 -8.26 17.93
C PRO A 514 41.30 -7.57 18.70
N ALA A 515 41.45 -6.28 19.01
CA ALA A 515 40.43 -5.58 19.78
C ALA A 515 39.10 -5.51 19.04
N LEU A 516 39.14 -5.43 17.72
CA LEU A 516 37.94 -5.30 16.91
C LEU A 516 37.36 -6.68 16.58
N ASP A 517 36.08 -6.68 16.21
CA ASP A 517 35.39 -7.90 15.80
C ASP A 517 35.27 -7.92 14.28
N LEU A 518 35.61 -9.05 13.67
CA LEU A 518 35.66 -9.20 12.23
C LEU A 518 34.60 -10.19 11.75
N THR A 519 34.00 -9.90 10.61
CA THR A 519 33.05 -10.79 9.97
C THR A 519 33.41 -10.95 8.51
N PHE A 520 32.84 -11.97 7.88
CA PHE A 520 33.06 -12.27 6.47
C PHE A 520 31.72 -12.24 5.74
N VAL A 521 31.69 -11.58 4.58
CA VAL A 521 30.49 -11.50 3.77
C VAL A 521 30.84 -11.88 2.34
N TRP A 522 30.13 -12.86 1.79
CA TRP A 522 30.32 -13.29 0.42
C TRP A 522 29.23 -12.70 -0.47
N SER A 523 29.63 -12.21 -1.64
CA SER A 523 28.70 -11.63 -2.60
C SER A 523 28.91 -12.26 -3.97
N PHE A 524 27.81 -12.40 -4.70
CA PHE A 524 27.81 -13.01 -6.03
C PHE A 524 27.38 -11.98 -7.06
N ASN A 525 28.29 -11.65 -7.99
CA ASN A 525 28.00 -10.73 -9.09
C ASN A 525 27.50 -9.38 -8.57
N GLY A 526 28.20 -8.85 -7.57
CA GLY A 526 27.87 -7.55 -7.02
C GLY A 526 26.72 -7.53 -6.05
N TYR A 527 26.08 -8.68 -5.78
CA TYR A 527 24.97 -8.76 -4.85
C TYR A 527 25.34 -9.69 -3.71
N VAL A 528 25.12 -9.23 -2.48
CA VAL A 528 25.44 -10.01 -1.30
C VAL A 528 24.49 -11.19 -1.17
N ILE A 529 25.03 -12.34 -0.74
CA ILE A 529 24.20 -13.52 -0.51
C ILE A 529 23.58 -13.40 0.87
N ASP A 530 22.26 -13.62 0.95
CA ASP A 530 21.55 -13.43 2.21
C ASP A 530 21.64 -14.65 3.12
N PHE A 531 21.72 -15.84 2.53
CA PHE A 531 21.75 -17.11 3.26
C PHE A 531 20.48 -17.33 4.08
N ASN A 532 19.42 -16.58 3.79
CA ASN A 532 18.16 -16.70 4.51
C ASN A 532 17.06 -17.35 3.67
N LYS A 533 17.36 -17.73 2.43
CA LYS A 533 16.39 -18.40 1.57
C LYS A 533 16.84 -19.85 1.34
N GLU A 534 15.85 -20.74 1.22
CA GLU A 534 16.15 -22.16 1.10
C GLU A 534 16.92 -22.48 -0.18
N ILE A 535 16.76 -21.65 -1.22
CA ILE A 535 17.40 -21.94 -2.50
C ILE A 535 18.92 -21.80 -2.38
N THR A 536 19.39 -20.77 -1.67
CA THR A 536 20.83 -20.53 -1.58
C THR A 536 21.53 -21.63 -0.80
N HIS A 537 20.88 -22.20 0.22
CA HIS A 537 21.51 -23.24 1.03
C HIS A 537 21.72 -24.53 0.27
N ILE A 538 21.02 -24.74 -0.84
CA ILE A 538 21.14 -25.99 -1.59
C ILE A 538 22.57 -26.17 -2.09
N HIS A 539 23.12 -25.13 -2.72
CA HIS A 539 24.44 -25.21 -3.34
C HIS A 539 25.53 -24.50 -2.59
N TYR A 540 25.19 -23.61 -1.66
CA TYR A 540 26.18 -22.84 -0.94
C TYR A 540 26.23 -23.29 0.50
N GLN A 541 27.45 -23.43 1.01
CA GLN A 541 27.64 -23.75 2.42
C GLN A 541 28.83 -22.91 2.86
N ARG A 542 28.59 -21.99 3.79
CA ARG A 542 29.65 -21.12 4.27
C ARG A 542 30.31 -21.84 5.42
N ASN A 543 31.63 -21.94 5.39
CA ASN A 543 32.38 -22.67 6.39
C ASN A 543 33.44 -21.74 6.97
N PHE A 544 33.29 -21.41 8.24
CA PHE A 544 34.21 -20.54 8.96
C PHE A 544 34.95 -21.29 10.06
N MET A 545 36.26 -21.10 10.17
CA MET A 545 37.02 -21.71 11.25
C MET A 545 38.18 -20.78 11.64
N LEU A 546 38.72 -21.06 12.83
CA LEU A 546 39.80 -20.31 13.46
C LEU A 546 39.33 -18.88 13.70
N ASP A 547 40.26 -17.95 13.88
CA ASP A 547 39.95 -16.54 14.06
C ASP A 547 40.08 -15.74 12.78
N ALA A 548 40.55 -16.36 11.70
CA ALA A 548 40.74 -15.65 10.45
C ALA A 548 40.39 -16.47 9.22
N ASN A 549 39.90 -17.70 9.36
CA ASN A 549 39.61 -18.51 8.17
C ASN A 549 38.13 -18.47 7.85
N GLY A 550 37.81 -18.05 6.62
CA GLY A 550 36.43 -17.95 6.19
C GLY A 550 36.17 -18.42 4.77
N GLU A 551 36.14 -19.73 4.58
CA GLU A 551 35.99 -20.26 3.24
C GLU A 551 34.52 -20.56 2.91
N LEU A 552 34.26 -20.70 1.62
CA LEU A 552 32.91 -20.95 1.12
C LEU A 552 32.93 -22.19 0.24
N LEU A 553 31.90 -23.01 0.35
CA LEU A 553 31.81 -24.24 -0.42
C LEU A 553 30.61 -24.16 -1.35
N ILE A 554 30.82 -24.54 -2.60
CA ILE A 554 29.78 -24.60 -3.62
C ILE A 554 29.64 -26.04 -4.06
N ARG A 555 28.42 -26.56 -3.98
CA ARG A 555 28.13 -27.94 -4.33
C ARG A 555 27.13 -28.01 -5.48
N ASN A 556 27.28 -29.04 -6.32
CA ASN A 556 26.40 -29.26 -7.46
C ASN A 556 26.25 -28.00 -8.30
N ALA A 557 27.39 -27.51 -8.78
CA ALA A 557 27.42 -26.26 -9.52
C ALA A 557 26.58 -26.35 -10.78
N GLN A 558 25.99 -25.21 -11.15
CA GLN A 558 25.15 -25.10 -12.34
C GLN A 558 25.67 -23.95 -13.19
N LEU A 559 25.07 -23.77 -14.37
CA LEU A 559 25.50 -22.71 -15.26
C LEU A 559 25.27 -21.33 -14.64
N LYS A 560 24.14 -21.15 -13.95
CA LYS A 560 23.83 -19.86 -13.35
C LYS A 560 24.74 -19.51 -12.18
N HIS A 561 25.44 -20.50 -11.61
CA HIS A 561 26.32 -20.23 -10.48
C HIS A 561 27.64 -19.61 -10.92
N ALA A 562 28.09 -19.88 -12.14
CA ALA A 562 29.33 -19.31 -12.64
C ALA A 562 29.27 -17.79 -12.61
N GLY A 563 30.38 -17.16 -12.22
CA GLY A 563 30.42 -15.72 -12.16
C GLY A 563 31.48 -15.23 -11.18
N ARG A 564 31.27 -14.01 -10.69
CA ARG A 564 32.22 -13.33 -9.83
C ARG A 564 31.80 -13.49 -8.38
N TYR A 565 32.69 -14.02 -7.55
CA TYR A 565 32.47 -14.18 -6.12
C TYR A 565 33.45 -13.29 -5.36
N THR A 566 32.93 -12.45 -4.46
CA THR A 566 33.74 -11.50 -3.71
C THR A 566 33.61 -11.76 -2.23
N CYS A 567 34.75 -11.96 -1.57
CA CYS A 567 34.82 -12.06 -0.11
C CYS A 567 35.20 -10.70 0.46
N THR A 568 34.41 -10.23 1.43
CA THR A 568 34.66 -8.96 2.08
C THR A 568 34.81 -9.18 3.58
N ALA A 569 35.99 -8.88 4.10
CA ALA A 569 36.21 -8.83 5.54
C ALA A 569 35.74 -7.49 6.06
N GLN A 570 34.75 -7.52 6.94
CA GLN A 570 34.07 -6.32 7.42
C GLN A 570 34.28 -6.18 8.92
N THR A 571 34.70 -5.00 9.35
CA THR A 571 34.83 -4.66 10.75
C THR A 571 34.26 -3.26 10.97
N ILE A 572 34.25 -2.82 12.23
CA ILE A 572 33.59 -1.57 12.59
C ILE A 572 34.29 -0.36 11.98
N VAL A 573 35.55 -0.48 11.58
CA VAL A 573 36.31 0.65 11.07
C VAL A 573 36.33 0.69 9.55
N ASP A 574 36.66 -0.43 8.89
CA ASP A 574 36.75 -0.47 7.44
C ASP A 574 36.40 -1.88 6.96
N ASN A 575 36.44 -2.06 5.65
CA ASN A 575 36.20 -3.36 5.05
C ASN A 575 37.13 -3.54 3.85
N SER A 576 37.63 -4.76 3.68
CA SER A 576 38.56 -5.08 2.60
C SER A 576 38.00 -6.24 1.77
N SER A 577 38.00 -6.07 0.46
CA SER A 577 37.35 -7.02 -0.45
C SER A 577 38.36 -7.62 -1.42
N ALA A 578 38.11 -8.88 -1.78
CA ALA A 578 38.89 -9.58 -2.80
C ALA A 578 37.97 -10.50 -3.58
N SER A 579 38.09 -10.49 -4.90
CA SER A 579 37.16 -11.19 -5.77
C SER A 579 37.89 -12.25 -6.60
N ALA A 580 37.09 -13.18 -7.13
CA ALA A 580 37.59 -14.23 -8.00
C ALA A 580 36.48 -14.67 -8.92
N ASP A 581 36.81 -15.55 -9.87
CA ASP A 581 35.90 -15.97 -10.92
C ASP A 581 35.72 -17.49 -10.91
N LEU A 582 34.50 -17.93 -11.21
CA LEU A 582 34.15 -19.34 -11.27
C LEU A 582 33.53 -19.62 -12.63
N VAL A 583 34.11 -20.57 -13.36
CA VAL A 583 33.66 -20.96 -14.69
C VAL A 583 33.07 -22.36 -14.62
N VAL A 584 31.95 -22.56 -15.32
CA VAL A 584 31.23 -23.82 -15.33
C VAL A 584 31.18 -24.33 -16.77
N ARG A 585 31.49 -25.61 -16.94
CA ARG A 585 31.51 -26.28 -18.24
C ARG A 585 30.50 -27.41 -18.25
N GLY A 586 30.22 -27.91 -19.46
CA GLY A 586 29.29 -29.01 -19.61
C GLY A 586 28.10 -28.68 -20.50
N LYS B 19 -24.53 -33.39 -8.08
CA LYS B 19 -24.48 -32.37 -7.04
C LYS B 19 -24.27 -33.03 -5.68
N GLY B 20 -23.02 -33.02 -5.21
CA GLY B 20 -22.64 -33.71 -4.00
C GLY B 20 -21.56 -32.95 -3.27
N PHE B 21 -21.15 -33.51 -2.13
CA PHE B 21 -20.14 -32.88 -1.27
C PHE B 21 -19.24 -33.99 -0.74
N GLY B 22 -17.95 -33.91 -1.05
CA GLY B 22 -17.00 -34.91 -0.64
C GLY B 22 -16.64 -34.78 0.83
N PRO B 23 -16.00 -35.82 1.35
CA PRO B 23 -15.59 -35.81 2.76
C PRO B 23 -14.47 -34.79 3.00
N ILE B 24 -14.70 -33.89 3.96
CA ILE B 24 -13.71 -32.89 4.35
C ILE B 24 -13.44 -33.07 5.84
N PHE B 25 -12.16 -33.15 6.20
CA PHE B 25 -11.77 -33.41 7.58
C PHE B 25 -11.86 -32.15 8.42
N GLU B 26 -12.59 -32.21 9.52
CA GLU B 26 -12.63 -31.14 10.51
C GLU B 26 -11.61 -31.39 11.61
N GLU B 27 -11.74 -32.51 12.31
CA GLU B 27 -10.82 -32.89 13.38
C GLU B 27 -10.04 -34.12 12.95
N GLN B 28 -8.73 -34.09 13.21
CA GLN B 28 -7.84 -35.19 12.88
C GLN B 28 -7.05 -35.57 14.12
N PRO B 29 -6.70 -36.85 14.27
CA PRO B 29 -6.03 -37.29 15.51
C PRO B 29 -4.63 -36.71 15.62
N ILE B 30 -4.23 -36.49 16.87
CA ILE B 30 -2.94 -35.90 17.19
C ILE B 30 -2.18 -36.87 18.08
N ASN B 31 -0.85 -36.71 18.11
CA ASN B 31 -0.02 -37.52 18.98
C ASN B 31 -0.47 -37.34 20.43
N THR B 32 -0.60 -38.45 21.15
CA THR B 32 -1.14 -38.42 22.50
C THR B 32 -0.31 -39.30 23.42
N ILE B 33 -0.14 -38.82 24.65
CA ILE B 33 0.49 -39.57 25.73
C ILE B 33 -0.54 -39.74 26.83
N TYR B 34 -0.69 -40.97 27.31
CA TYR B 34 -1.69 -41.29 28.32
C TYR B 34 -1.01 -41.56 29.65
N PRO B 35 -1.34 -40.84 30.72
CA PRO B 35 -0.73 -41.12 32.02
C PRO B 35 -1.04 -42.54 32.47
N GLU B 36 0.00 -43.23 32.97
CA GLU B 36 -0.17 -44.61 33.40
C GLU B 36 -1.10 -44.70 34.61
N GLU B 37 -1.04 -43.72 35.50
CA GLU B 37 -1.83 -43.71 36.72
C GLU B 37 -2.98 -42.71 36.64
N SER B 38 -3.56 -42.55 35.45
CA SER B 38 -4.67 -41.62 35.28
C SER B 38 -5.91 -42.12 36.02
N LEU B 39 -6.74 -41.17 36.44
CA LEU B 39 -8.01 -41.53 37.08
C LEU B 39 -8.99 -42.07 36.04
N GLU B 40 -9.07 -41.43 34.88
CA GLU B 40 -9.91 -41.93 33.80
C GLU B 40 -9.24 -43.11 33.11
N GLY B 41 -10.03 -44.14 32.84
CA GLY B 41 -9.52 -45.34 32.21
C GLY B 41 -9.78 -45.39 30.72
N LYS B 42 -10.07 -44.23 30.13
CA LYS B 42 -10.43 -44.16 28.71
C LYS B 42 -9.48 -43.22 27.96
N VAL B 43 -9.09 -43.65 26.77
CA VAL B 43 -8.25 -42.86 25.87
C VAL B 43 -9.03 -42.65 24.57
N SER B 44 -9.18 -41.39 24.17
CA SER B 44 -9.99 -41.03 23.03
C SER B 44 -9.13 -40.37 21.95
N LEU B 45 -9.30 -40.83 20.71
CA LEU B 45 -8.72 -40.19 19.53
C LEU B 45 -9.86 -39.61 18.70
N ASN B 46 -9.70 -38.37 18.27
CA ASN B 46 -10.78 -37.62 17.64
C ASN B 46 -10.65 -37.65 16.13
N CYS B 47 -11.78 -37.89 15.45
CA CYS B 47 -11.84 -37.87 14.00
C CYS B 47 -13.26 -37.48 13.58
N ARG B 48 -13.38 -36.44 12.76
CA ARG B 48 -14.70 -35.97 12.34
C ARG B 48 -14.58 -35.38 10.94
N ALA B 49 -15.62 -35.60 10.13
CA ALA B 49 -15.61 -35.13 8.75
C ALA B 49 -17.02 -34.73 8.33
N ARG B 50 -17.09 -33.91 7.28
CA ARG B 50 -18.34 -33.47 6.69
C ARG B 50 -18.50 -34.06 5.29
N ALA B 51 -19.75 -34.35 4.93
CA ALA B 51 -20.09 -34.84 3.60
C ALA B 51 -21.59 -34.69 3.41
N SER B 52 -22.02 -34.63 2.14
CA SER B 52 -23.45 -34.56 1.87
C SER B 52 -24.14 -35.88 2.18
N PRO B 53 -23.62 -37.05 1.76
CA PRO B 53 -24.08 -38.30 2.39
C PRO B 53 -23.26 -38.55 3.66
N PHE B 54 -23.93 -38.75 4.80
CA PHE B 54 -23.24 -38.85 6.07
C PHE B 54 -22.09 -39.84 5.96
N PRO B 55 -20.89 -39.47 6.41
CA PRO B 55 -19.72 -40.30 6.15
C PRO B 55 -19.65 -41.50 7.09
N VAL B 56 -18.79 -42.45 6.72
CA VAL B 56 -18.50 -43.62 7.53
C VAL B 56 -17.04 -43.53 7.97
N TYR B 57 -16.81 -43.82 9.24
CA TYR B 57 -15.48 -43.69 9.84
C TYR B 57 -14.89 -45.08 10.05
N LYS B 58 -13.60 -45.19 9.73
CA LYS B 58 -12.84 -46.41 9.95
C LYS B 58 -11.51 -46.04 10.61
N TRP B 59 -10.92 -47.00 11.31
CA TRP B 59 -9.66 -46.76 11.99
C TRP B 59 -8.67 -47.86 11.66
N ARG B 60 -7.38 -47.52 11.72
CA ARG B 60 -6.32 -48.48 11.46
C ARG B 60 -5.22 -48.29 12.49
N MET B 61 -4.65 -49.41 12.93
CA MET B 61 -3.62 -49.44 13.97
C MET B 61 -2.37 -50.11 13.41
N ASN B 62 -1.23 -49.43 13.58
CA ASN B 62 0.07 -49.93 13.13
C ASN B 62 0.01 -50.42 11.69
N ASN B 63 -0.54 -49.57 10.82
CA ASN B 63 -0.72 -49.88 9.40
C ASN B 63 -1.53 -51.16 9.22
N GLY B 64 -2.48 -51.40 10.11
CA GLY B 64 -3.31 -52.58 10.03
C GLY B 64 -4.70 -52.30 10.55
N ASP B 65 -5.68 -53.02 10.00
CA ASP B 65 -7.07 -52.81 10.36
C ASP B 65 -7.30 -53.16 11.83
N VAL B 66 -8.20 -52.42 12.47
CA VAL B 66 -8.54 -52.64 13.86
C VAL B 66 -9.89 -53.35 13.91
N ASP B 67 -9.95 -54.45 14.68
CA ASP B 67 -11.18 -55.20 14.82
C ASP B 67 -12.17 -54.41 15.67
N LEU B 68 -13.41 -54.32 15.19
CA LEU B 68 -14.45 -53.65 15.95
C LEU B 68 -15.01 -54.59 17.02
N THR B 69 -15.82 -54.04 17.91
CA THR B 69 -16.46 -54.76 19.02
C THR B 69 -15.35 -55.24 19.97
N ASN B 70 -15.35 -56.53 20.38
CA ASN B 70 -14.38 -57.19 21.24
C ASN B 70 -14.49 -56.76 22.70
N ASP B 71 -15.42 -55.88 23.04
CA ASP B 71 -15.64 -55.42 24.41
C ASP B 71 -14.42 -54.65 24.92
N ARG B 72 -13.82 -53.84 24.06
CA ARG B 72 -12.69 -53.01 24.47
C ARG B 72 -12.73 -51.67 23.75
N TYR B 73 -12.83 -51.69 22.43
CA TYR B 73 -12.92 -50.48 21.63
C TYR B 73 -14.36 -50.00 21.55
N SER B 74 -14.52 -48.69 21.36
CA SER B 74 -15.85 -48.12 21.19
C SER B 74 -15.77 -46.90 20.29
N MET B 75 -16.90 -46.58 19.68
CA MET B 75 -17.00 -45.48 18.73
C MET B 75 -17.93 -44.41 19.28
N VAL B 76 -17.50 -43.15 19.20
CA VAL B 76 -18.29 -42.00 19.65
C VAL B 76 -18.24 -40.97 18.53
N GLY B 77 -19.20 -41.04 17.61
CA GLY B 77 -19.27 -40.11 16.49
C GLY B 77 -17.99 -39.96 15.72
N GLY B 78 -17.38 -41.08 15.34
CA GLY B 78 -16.12 -41.07 14.65
C GLY B 78 -14.89 -41.08 15.53
N ASN B 79 -15.05 -40.89 16.84
CA ASN B 79 -13.92 -40.91 17.76
C ASN B 79 -13.72 -42.32 18.30
N LEU B 80 -12.46 -42.72 18.43
CA LEU B 80 -12.10 -44.06 18.88
C LEU B 80 -11.74 -44.01 20.36
N VAL B 81 -12.48 -44.76 21.18
CA VAL B 81 -12.26 -44.78 22.62
C VAL B 81 -11.79 -46.17 23.03
N ILE B 82 -10.75 -46.21 23.85
CA ILE B 82 -10.16 -47.45 24.34
C ILE B 82 -10.22 -47.44 25.87
N ASN B 83 -10.69 -48.52 26.46
CA ASN B 83 -10.85 -48.63 27.90
C ASN B 83 -9.72 -49.47 28.49
N ASN B 84 -9.12 -48.97 29.58
CA ASN B 84 -8.02 -49.62 30.25
C ASN B 84 -6.90 -50.00 29.28
N PRO B 85 -6.26 -49.02 28.64
CA PRO B 85 -5.23 -49.34 27.64
C PRO B 85 -3.95 -49.83 28.28
N ASP B 86 -3.29 -50.77 27.60
CA ASP B 86 -2.02 -51.34 28.04
C ASP B 86 -1.00 -51.18 26.93
N LYS B 87 0.24 -50.84 27.31
CA LYS B 87 1.30 -50.65 26.34
C LYS B 87 1.48 -51.88 25.46
N GLN B 88 1.36 -53.07 26.05
CA GLN B 88 1.51 -54.31 25.30
C GLN B 88 0.43 -54.49 24.23
N LYS B 89 -0.63 -53.68 24.27
CA LYS B 89 -1.79 -53.86 23.40
C LYS B 89 -2.08 -52.69 22.49
N ASP B 90 -2.01 -51.45 23.00
CA ASP B 90 -2.53 -50.30 22.28
C ASP B 90 -1.47 -49.34 21.76
N ALA B 91 -0.30 -49.26 22.38
CA ALA B 91 0.72 -48.30 21.95
C ALA B 91 1.06 -48.48 20.49
N GLY B 92 1.11 -47.37 19.76
CA GLY B 92 1.47 -47.43 18.35
C GLY B 92 0.78 -46.34 17.56
N VAL B 93 0.76 -46.53 16.24
CA VAL B 93 0.27 -45.51 15.30
C VAL B 93 -1.15 -45.85 14.87
N TYR B 94 -2.05 -44.89 15.04
CA TYR B 94 -3.42 -44.99 14.58
C TYR B 94 -3.67 -43.93 13.51
N TYR B 95 -4.51 -44.26 12.53
CA TYR B 95 -5.02 -43.23 11.62
C TYR B 95 -6.45 -43.53 11.21
N CYS B 96 -7.15 -42.46 10.83
CA CYS B 96 -8.58 -42.47 10.58
C CYS B 96 -8.86 -42.35 9.08
N LEU B 97 -9.96 -42.98 8.65
CA LEU B 97 -10.40 -42.94 7.26
C LEU B 97 -11.86 -42.51 7.23
N ALA B 98 -12.15 -41.46 6.47
CA ALA B 98 -13.51 -40.96 6.30
C ALA B 98 -13.96 -41.25 4.88
N SER B 99 -15.05 -42.01 4.73
CA SER B 99 -15.51 -42.47 3.44
C SER B 99 -16.96 -42.07 3.21
N ASN B 100 -17.38 -42.14 1.95
CA ASN B 100 -18.78 -41.90 1.58
C ASN B 100 -19.00 -42.45 0.18
N ASN B 101 -19.96 -41.87 -0.55
CA ASN B 101 -20.25 -42.29 -1.91
C ASN B 101 -19.34 -41.63 -2.95
N TYR B 102 -18.53 -40.65 -2.55
CA TYR B 102 -17.69 -39.91 -3.48
C TYR B 102 -16.21 -40.20 -3.32
N GLY B 103 -15.81 -40.95 -2.31
CA GLY B 103 -14.42 -41.31 -2.13
C GLY B 103 -14.07 -41.41 -0.67
N MET B 104 -12.77 -41.64 -0.42
CA MET B 104 -12.24 -41.77 0.92
C MET B 104 -11.13 -40.75 1.14
N VAL B 105 -10.91 -40.40 2.40
CA VAL B 105 -9.84 -39.47 2.78
C VAL B 105 -9.16 -40.01 4.03
N ARG B 106 -7.84 -39.89 4.07
CA ARG B 106 -7.04 -40.37 5.19
C ARG B 106 -6.60 -39.21 6.07
N SER B 107 -6.67 -39.41 7.38
CA SER B 107 -6.23 -38.42 8.35
C SER B 107 -4.74 -38.54 8.62
N THR B 108 -4.19 -37.55 9.32
CA THR B 108 -2.78 -37.56 9.67
C THR B 108 -2.50 -38.66 10.69
N GLU B 109 -1.39 -39.36 10.50
CA GLU B 109 -1.00 -40.43 11.41
C GLU B 109 -0.76 -39.87 12.81
N ALA B 110 -1.31 -40.55 13.81
CA ALA B 110 -1.22 -40.11 15.20
C ALA B 110 -0.60 -41.21 16.04
N THR B 111 0.42 -40.85 16.83
CA THR B 111 1.13 -41.80 17.67
C THR B 111 0.56 -41.77 19.08
N LEU B 112 0.22 -42.93 19.61
CA LEU B 112 -0.30 -43.08 20.96
C LEU B 112 0.74 -43.80 21.81
N SER B 113 1.19 -43.14 22.87
CA SER B 113 2.16 -43.69 23.80
C SER B 113 1.64 -43.47 25.23
N PHE B 114 2.33 -44.08 26.18
CA PHE B 114 1.92 -44.06 27.58
C PHE B 114 3.04 -43.51 28.44
N GLY B 115 2.72 -42.49 29.24
CA GLY B 115 3.72 -41.88 30.10
C GLY B 115 4.15 -42.82 31.21
N TYR B 116 5.46 -42.85 31.44
CA TYR B 116 6.06 -43.75 32.42
C TYR B 116 7.02 -42.94 33.28
N LEU B 117 6.94 -43.14 34.60
CA LEU B 117 7.87 -42.48 35.53
C LEU B 117 7.78 -43.22 36.86
N ASP B 118 8.87 -43.86 37.24
CA ASP B 118 8.98 -44.60 38.49
C ASP B 118 9.66 -43.74 39.54
N PRO B 119 9.44 -44.02 40.82
CA PRO B 119 10.13 -43.26 41.88
C PRO B 119 11.58 -43.67 41.98
N PHE B 120 12.36 -42.82 42.66
CA PHE B 120 13.77 -43.11 42.89
C PHE B 120 13.90 -44.35 43.78
N PRO B 121 15.05 -45.02 43.73
CA PRO B 121 15.28 -46.14 44.64
C PRO B 121 15.39 -45.68 46.07
N PRO B 122 14.75 -46.38 47.01
CA PRO B 122 14.74 -45.92 48.41
C PRO B 122 16.04 -46.15 49.16
N GLU B 123 17.07 -46.68 48.51
CA GLU B 123 18.34 -46.93 49.17
C GLU B 123 18.99 -45.60 49.57
N GLU B 124 19.68 -45.61 50.71
CA GLU B 124 20.31 -44.40 51.21
C GLU B 124 21.50 -44.02 50.34
N ARG B 125 21.76 -42.72 50.26
CA ARG B 125 22.83 -42.18 49.44
C ARG B 125 24.08 -41.96 50.29
N PRO B 126 25.27 -42.29 49.76
CA PRO B 126 26.49 -42.12 50.55
C PRO B 126 26.88 -40.66 50.68
N GLU B 127 27.62 -40.36 51.74
CA GLU B 127 28.09 -39.01 51.99
C GLU B 127 29.24 -38.66 51.04
N VAL B 128 29.38 -37.37 50.75
CA VAL B 128 30.39 -36.87 49.82
C VAL B 128 31.17 -35.75 50.52
N LYS B 129 32.49 -35.91 50.60
CA LYS B 129 33.37 -34.90 51.16
C LYS B 129 34.11 -34.18 50.04
N VAL B 130 34.19 -32.85 50.15
CA VAL B 130 34.78 -32.02 49.12
C VAL B 130 35.77 -31.06 49.76
N LYS B 131 36.91 -30.85 49.11
CA LYS B 131 37.87 -29.86 49.58
C LYS B 131 37.39 -28.46 49.20
N GLU B 132 37.46 -27.54 50.16
CA GLU B 132 37.03 -26.17 49.91
C GLU B 132 37.85 -25.55 48.78
N GLY B 133 37.17 -24.89 47.85
CA GLY B 133 37.82 -24.32 46.69
C GLY B 133 37.83 -25.21 45.47
N LYS B 134 37.27 -26.42 45.55
CA LYS B 134 37.24 -27.36 44.44
C LYS B 134 35.80 -27.60 44.05
N GLY B 135 35.47 -27.37 42.78
CA GLY B 135 34.14 -27.63 42.30
C GLY B 135 33.82 -29.12 42.31
N MET B 136 32.52 -29.42 42.30
CA MET B 136 32.06 -30.80 42.36
C MET B 136 30.82 -30.98 41.49
N VAL B 137 30.50 -32.25 41.24
CA VAL B 137 29.37 -32.65 40.42
C VAL B 137 28.53 -33.64 41.20
N LEU B 138 27.21 -33.44 41.20
CA LEU B 138 26.26 -34.32 41.86
C LEU B 138 25.37 -34.95 40.82
N LEU B 139 25.40 -36.27 40.72
CA LEU B 139 24.67 -37.01 39.71
C LEU B 139 23.24 -37.27 40.19
N CYS B 140 22.26 -36.89 39.37
CA CYS B 140 20.87 -37.14 39.74
C CYS B 140 20.50 -38.60 39.58
N ASP B 141 20.93 -39.23 38.48
CA ASP B 141 20.59 -40.61 38.14
C ASP B 141 19.08 -40.80 38.19
N PRO B 142 18.34 -40.20 37.26
CA PRO B 142 16.88 -40.28 37.32
C PRO B 142 16.40 -41.69 37.04
N PRO B 143 15.22 -42.05 37.52
CA PRO B 143 14.68 -43.40 37.32
C PRO B 143 14.16 -43.56 35.89
N TYR B 144 13.60 -44.74 35.63
CA TYR B 144 13.08 -45.05 34.30
C TYR B 144 11.91 -44.16 33.95
N HIS B 145 11.88 -43.71 32.69
CA HIS B 145 10.82 -42.83 32.21
C HIS B 145 10.71 -42.97 30.69
N PHE B 146 9.47 -42.90 30.19
CA PHE B 146 9.24 -42.97 28.75
C PHE B 146 9.35 -41.58 28.11
N PRO B 147 8.68 -40.54 28.62
CA PRO B 147 8.85 -39.21 28.02
C PRO B 147 10.12 -38.54 28.55
N ASP B 148 10.94 -38.05 27.63
CA ASP B 148 12.23 -37.47 27.96
C ASP B 148 12.16 -35.96 28.18
N ASP B 149 10.96 -35.39 28.24
CA ASP B 149 10.81 -33.95 28.47
C ASP B 149 10.72 -33.69 29.98
N LEU B 150 11.85 -33.97 30.65
CA LEU B 150 11.93 -33.86 32.10
C LEU B 150 12.54 -32.51 32.49
N SER B 151 12.02 -31.95 33.58
CA SER B 151 12.56 -30.73 34.17
C SER B 151 13.24 -31.11 35.48
N TYR B 152 14.47 -30.63 35.66
CA TYR B 152 15.31 -31.01 36.79
C TYR B 152 15.52 -29.80 37.70
N ARG B 153 15.34 -30.02 38.99
CA ARG B 153 15.66 -29.04 40.01
C ARG B 153 16.30 -29.78 41.18
N TRP B 154 16.70 -29.03 42.21
CA TRP B 154 17.34 -29.62 43.36
C TRP B 154 16.80 -28.97 44.64
N LEU B 155 16.66 -29.79 45.68
CA LEU B 155 16.17 -29.37 46.97
C LEU B 155 17.28 -29.47 47.99
N LEU B 156 17.21 -28.60 49.01
CA LEU B 156 18.22 -28.51 50.05
C LEU B 156 17.57 -28.82 51.39
N ASN B 157 18.05 -29.90 52.04
CA ASN B 157 17.61 -30.28 53.38
C ASN B 157 16.17 -30.76 53.40
N GLU B 158 15.23 -29.90 52.99
CA GLU B 158 13.82 -30.20 53.04
C GLU B 158 13.19 -30.09 51.66
N PHE B 159 11.99 -30.67 51.53
CA PHE B 159 11.30 -30.64 50.23
C PHE B 159 10.90 -29.24 49.81
N PRO B 160 10.23 -28.42 50.63
CA PRO B 160 9.83 -27.09 50.15
C PRO B 160 10.99 -26.23 49.70
N VAL B 161 12.19 -26.47 50.22
CA VAL B 161 13.36 -25.67 49.84
C VAL B 161 13.77 -26.04 48.43
N PHE B 162 14.21 -25.04 47.66
CA PHE B 162 14.71 -25.24 46.31
C PHE B 162 16.06 -24.55 46.18
N ILE B 163 16.82 -24.96 45.16
CA ILE B 163 18.14 -24.41 44.90
C ILE B 163 18.02 -23.26 43.91
N THR B 164 18.60 -22.13 44.26
CA THR B 164 18.60 -20.96 43.38
C THR B 164 19.73 -21.06 42.37
N MET B 165 19.47 -20.56 41.17
CA MET B 165 20.45 -20.58 40.09
C MET B 165 21.40 -19.40 40.24
N ASP B 166 22.69 -19.67 40.41
CA ASP B 166 23.71 -18.65 40.55
C ASP B 166 24.83 -18.94 39.55
N LYS B 167 25.89 -18.12 39.61
CA LYS B 167 27.04 -18.39 38.78
C LYS B 167 27.85 -19.57 39.30
N ARG B 168 27.78 -19.83 40.61
CA ARG B 168 28.46 -20.98 41.19
C ARG B 168 27.65 -22.27 41.02
N ARG B 169 26.34 -22.18 41.19
CA ARG B 169 25.45 -23.34 41.13
C ARG B 169 24.79 -23.42 39.75
N PHE B 170 24.91 -24.57 39.10
CA PHE B 170 24.27 -24.78 37.82
C PHE B 170 23.56 -26.13 37.81
N VAL B 171 22.39 -26.18 37.19
CA VAL B 171 21.61 -27.40 37.07
C VAL B 171 21.40 -27.67 35.58
N SER B 172 21.96 -28.78 35.10
CA SER B 172 21.79 -29.15 33.70
C SER B 172 20.37 -29.65 33.47
N GLN B 173 19.79 -29.25 32.34
CA GLN B 173 18.45 -29.68 31.98
C GLN B 173 18.43 -30.97 31.17
N THR B 174 19.59 -31.46 30.77
CA THR B 174 19.70 -32.74 30.06
C THR B 174 20.20 -33.85 30.98
N ASN B 175 21.41 -33.71 31.51
CA ASN B 175 21.92 -34.70 32.45
C ASN B 175 21.13 -34.70 33.74
N GLY B 176 20.72 -33.52 34.21
CA GLY B 176 20.03 -33.39 35.48
C GLY B 176 20.94 -33.23 36.67
N ASN B 177 22.25 -33.18 36.46
CA ASN B 177 23.22 -33.10 37.53
C ASN B 177 23.34 -31.67 38.04
N LEU B 178 23.94 -31.53 39.23
CA LEU B 178 24.16 -30.23 39.84
C LEU B 178 25.67 -29.99 39.89
N TYR B 179 26.12 -28.87 39.32
CA TYR B 179 27.53 -28.54 39.24
C TYR B 179 27.81 -27.31 40.10
N ILE B 180 28.79 -27.42 40.99
CA ILE B 180 29.22 -26.31 41.83
C ILE B 180 30.65 -25.96 41.46
N ALA B 181 30.85 -24.73 40.97
CA ALA B 181 32.20 -24.31 40.56
C ALA B 181 33.10 -24.11 41.77
N ASN B 182 32.60 -23.42 42.78
CA ASN B 182 33.35 -23.15 44.01
C ASN B 182 32.55 -23.66 45.20
N VAL B 183 33.18 -24.48 46.03
CA VAL B 183 32.54 -25.06 47.20
C VAL B 183 33.02 -24.33 48.44
N GLU B 184 32.08 -23.88 49.28
CA GLU B 184 32.37 -23.14 50.49
C GLU B 184 31.64 -23.78 51.65
N SER B 185 31.96 -23.32 52.87
CA SER B 185 31.32 -23.85 54.06
C SER B 185 29.81 -23.60 54.04
N SER B 186 29.37 -22.51 53.40
CA SER B 186 27.94 -22.20 53.35
C SER B 186 27.17 -23.21 52.50
N ASP B 187 27.85 -23.96 51.64
CA ASP B 187 27.20 -24.93 50.77
C ASP B 187 26.97 -26.28 51.44
N ARG B 188 27.50 -26.49 52.66
CA ARG B 188 27.36 -27.77 53.33
C ARG B 188 25.90 -28.10 53.58
N GLY B 189 25.56 -29.39 53.50
CA GLY B 189 24.20 -29.78 53.78
C GLY B 189 23.76 -30.91 52.89
N ASN B 190 22.46 -31.19 52.90
CA ASN B 190 21.90 -32.35 52.21
C ASN B 190 21.19 -31.89 50.95
N TYR B 191 21.62 -32.42 49.81
CA TYR B 191 21.10 -32.04 48.50
C TYR B 191 20.39 -33.24 47.87
N SER B 192 19.17 -33.02 47.38
CA SER B 192 18.38 -34.06 46.73
C SER B 192 17.95 -33.61 45.35
N CYS B 193 17.90 -34.55 44.41
CA CYS B 193 17.45 -34.24 43.06
C CYS B 193 15.92 -34.25 43.02
N PHE B 194 15.37 -33.55 42.02
CA PHE B 194 13.93 -33.41 41.87
C PHE B 194 13.60 -33.40 40.39
N VAL B 195 12.86 -34.41 39.93
CA VAL B 195 12.56 -34.60 38.52
C VAL B 195 11.05 -34.49 38.33
N SER B 196 10.64 -33.66 37.39
CA SER B 196 9.22 -33.46 37.10
C SER B 196 8.95 -33.64 35.61
N SER B 197 7.86 -34.33 35.30
CA SER B 197 7.41 -34.50 33.92
C SER B 197 6.08 -33.78 33.75
N PRO B 198 6.01 -32.77 32.87
CA PRO B 198 4.75 -32.04 32.66
C PRO B 198 3.74 -32.81 31.83
N SER B 199 4.24 -33.64 30.90
CA SER B 199 3.34 -34.44 30.05
C SER B 199 2.44 -35.32 30.89
N ILE B 200 3.01 -36.02 31.88
CA ILE B 200 2.23 -36.85 32.80
C ILE B 200 1.98 -36.14 34.13
N THR B 201 2.55 -34.95 34.32
CA THR B 201 2.35 -34.14 35.53
C THR B 201 2.75 -34.90 36.79
N LYS B 202 3.91 -35.56 36.76
CA LYS B 202 4.37 -36.38 37.87
C LYS B 202 5.73 -35.91 38.32
N SER B 203 5.91 -35.74 39.63
CA SER B 203 7.14 -35.23 40.21
C SER B 203 7.63 -36.15 41.31
N VAL B 204 8.93 -36.41 41.33
CA VAL B 204 9.54 -37.27 42.35
C VAL B 204 10.90 -36.70 42.71
N PHE B 205 11.26 -36.81 43.99
CA PHE B 205 12.54 -36.34 44.49
C PHE B 205 13.35 -37.53 45.01
N SER B 206 14.66 -37.44 44.84
CA SER B 206 15.53 -38.54 45.24
C SER B 206 15.88 -38.43 46.71
N LYS B 207 16.56 -39.46 47.21
CA LYS B 207 17.02 -39.44 48.59
C LYS B 207 18.17 -38.45 48.73
N PHE B 208 18.26 -37.84 49.91
CA PHE B 208 19.20 -36.74 50.11
C PHE B 208 20.64 -37.25 50.21
N ILE B 209 21.55 -36.51 49.61
CA ILE B 209 22.98 -36.76 49.63
C ILE B 209 23.62 -35.77 50.59
N PRO B 210 24.26 -36.22 51.67
CA PRO B 210 25.01 -35.28 52.53
C PRO B 210 26.31 -34.85 51.87
N LEU B 211 26.54 -33.53 51.85
CA LEU B 211 27.74 -32.93 51.30
C LEU B 211 28.45 -32.20 52.43
N ILE B 212 29.70 -32.57 52.67
CA ILE B 212 30.52 -32.04 53.75
C ILE B 212 31.76 -31.40 53.14
N PRO B 213 32.01 -30.12 53.38
CA PRO B 213 33.26 -29.50 52.91
C PRO B 213 34.34 -29.52 53.98
N ILE B 214 35.48 -30.10 53.66
CA ILE B 214 36.62 -30.08 54.57
C ILE B 214 37.19 -28.67 54.61
N PRO B 215 37.38 -28.08 55.79
CA PRO B 215 37.86 -26.70 55.86
C PRO B 215 39.32 -26.58 55.46
N GLU B 216 39.67 -25.41 54.91
CA GLU B 216 41.03 -25.12 54.50
C GLU B 216 41.37 -23.69 54.92
N ARG B 217 42.64 -23.47 55.23
CA ARG B 217 43.12 -22.16 55.65
C ARG B 217 43.73 -21.37 54.50
N THR B 218 44.12 -22.06 53.41
CA THR B 218 44.82 -21.47 52.26
C THR B 218 44.17 -22.04 51.00
N THR B 219 43.04 -21.45 50.60
CA THR B 219 42.30 -21.99 49.46
C THR B 219 43.14 -21.87 48.19
N LYS B 220 43.18 -22.95 47.42
CA LYS B 220 44.00 -23.04 46.23
C LYS B 220 43.20 -22.61 45.01
N PRO B 221 43.74 -21.78 44.12
CA PRO B 221 43.00 -21.42 42.91
C PRO B 221 43.08 -22.53 41.87
N TYR B 222 42.01 -22.66 41.09
CA TYR B 222 41.92 -23.67 40.05
C TYR B 222 41.56 -23.05 38.72
N PRO B 223 42.14 -23.54 37.62
CA PRO B 223 41.81 -22.99 36.31
C PRO B 223 40.41 -23.38 35.88
N ALA B 224 39.85 -22.61 34.95
CA ALA B 224 38.49 -22.84 34.49
C ALA B 224 38.44 -24.09 33.62
N ASP B 225 37.53 -25.00 33.94
CA ASP B 225 37.37 -26.25 33.20
C ASP B 225 35.91 -26.42 32.84
N ILE B 226 35.62 -26.52 31.55
CA ILE B 226 34.25 -26.65 31.06
C ILE B 226 33.80 -28.09 31.29
N VAL B 227 32.81 -28.29 32.15
CA VAL B 227 32.30 -29.62 32.43
C VAL B 227 30.94 -29.89 31.78
N VAL B 228 30.18 -28.85 31.45
CA VAL B 228 28.90 -28.99 30.76
C VAL B 228 29.08 -28.44 29.36
N GLN B 229 28.99 -29.31 28.36
CA GLN B 229 29.17 -28.93 26.97
C GLN B 229 27.89 -29.21 26.19
N PHE B 230 27.77 -28.56 25.03
CA PHE B 230 26.62 -28.70 24.16
C PHE B 230 27.10 -29.18 22.81
N LYS B 231 26.53 -30.28 22.34
CA LYS B 231 26.99 -30.95 21.14
C LYS B 231 26.33 -30.35 19.91
N ASP B 232 26.60 -30.94 18.74
CA ASP B 232 25.97 -30.48 17.51
C ASP B 232 24.47 -30.68 17.60
N ILE B 233 23.71 -29.64 17.25
CA ILE B 233 22.26 -29.65 17.40
C ILE B 233 21.61 -29.29 16.07
N TYR B 234 20.68 -30.14 15.63
CA TYR B 234 19.81 -29.86 14.50
C TYR B 234 18.49 -29.31 15.04
N THR B 235 18.13 -28.10 14.61
CA THR B 235 16.90 -27.48 15.08
C THR B 235 16.11 -26.91 13.91
N MET B 236 14.80 -26.80 14.12
CA MET B 236 13.87 -26.41 13.07
C MET B 236 13.66 -24.90 13.07
N MET B 237 13.25 -24.38 11.91
CA MET B 237 12.96 -22.96 11.79
C MET B 237 11.80 -22.57 12.69
N GLY B 238 11.93 -21.41 13.33
CA GLY B 238 10.89 -20.89 14.18
C GLY B 238 10.84 -21.44 15.59
N GLN B 239 11.63 -22.47 15.89
CA GLN B 239 11.59 -23.07 17.21
C GLN B 239 12.46 -22.30 18.20
N ASN B 240 12.26 -22.58 19.48
CA ASN B 240 13.05 -21.98 20.56
C ASN B 240 14.11 -22.98 20.99
N VAL B 241 15.37 -22.56 20.94
CA VAL B 241 16.50 -23.45 21.13
C VAL B 241 17.38 -22.94 22.27
N THR B 242 17.86 -23.85 23.11
CA THR B 242 18.68 -23.51 24.26
C THR B 242 19.98 -24.31 24.25
N LEU B 243 21.08 -23.62 24.52
CA LEU B 243 22.41 -24.21 24.57
C LEU B 243 23.01 -24.01 25.95
N GLU B 244 23.63 -25.05 26.49
CA GLU B 244 24.16 -25.03 27.85
C GLU B 244 25.67 -25.17 27.84
N CYS B 245 26.34 -24.34 28.64
CA CYS B 245 27.80 -24.37 28.77
C CYS B 245 28.16 -23.88 30.17
N PHE B 246 28.93 -24.69 30.91
CA PHE B 246 29.26 -24.34 32.28
C PHE B 246 30.66 -24.86 32.62
N ALA B 247 31.36 -24.08 33.46
CA ALA B 247 32.72 -24.39 33.84
C ALA B 247 32.89 -24.29 35.35
N LEU B 248 33.97 -24.87 35.84
CA LEU B 248 34.30 -24.93 37.25
C LEU B 248 35.68 -24.33 37.51
N GLY B 249 35.81 -23.74 38.70
CA GLY B 249 37.07 -23.18 39.14
C GLY B 249 36.87 -22.49 40.47
N ASN B 250 37.97 -22.38 41.21
CA ASN B 250 37.89 -21.72 42.52
C ASN B 250 37.50 -20.25 42.39
N PRO B 251 38.09 -19.45 41.49
CA PRO B 251 37.50 -18.14 41.22
C PRO B 251 36.32 -18.29 40.29
N VAL B 252 35.20 -17.68 40.65
CA VAL B 252 33.94 -17.85 39.93
C VAL B 252 34.16 -17.49 38.47
N PRO B 253 34.02 -18.44 37.54
CA PRO B 253 34.31 -18.17 36.14
C PRO B 253 33.19 -17.43 35.44
N ASP B 254 33.57 -16.64 34.44
CA ASP B 254 32.64 -15.90 33.61
C ASP B 254 32.55 -16.57 32.25
N ILE B 255 31.34 -16.71 31.74
CA ILE B 255 31.08 -17.41 30.48
C ILE B 255 30.58 -16.39 29.46
N ARG B 256 31.19 -16.40 28.27
CA ARG B 256 30.81 -15.52 27.18
C ARG B 256 30.55 -16.34 25.92
N TRP B 257 29.54 -15.94 25.16
CA TRP B 257 29.16 -16.62 23.94
C TRP B 257 29.45 -15.74 22.73
N ARG B 258 29.81 -16.37 21.62
CA ARG B 258 29.98 -15.62 20.39
C ARG B 258 29.77 -16.55 19.20
N LYS B 259 29.52 -15.96 18.04
CA LYS B 259 29.38 -16.69 16.79
C LYS B 259 30.66 -16.52 15.96
N VAL B 260 31.04 -17.58 15.24
CA VAL B 260 32.31 -17.60 14.53
C VAL B 260 32.27 -16.62 13.37
N LEU B 261 33.15 -15.62 13.41
CA LEU B 261 33.30 -14.62 12.36
C LEU B 261 31.98 -14.19 11.73
N GLU B 262 30.95 -14.08 12.54
CA GLU B 262 29.62 -13.70 12.07
C GLU B 262 28.88 -13.01 13.22
N PRO B 263 27.83 -12.24 12.91
CA PRO B 263 27.06 -11.61 13.98
C PRO B 263 26.09 -12.59 14.65
N MET B 264 25.92 -12.39 15.94
CA MET B 264 24.98 -13.20 16.70
C MET B 264 23.55 -12.92 16.23
N PRO B 265 22.66 -13.91 16.31
CA PRO B 265 21.27 -13.68 15.91
C PRO B 265 20.61 -12.63 16.78
N SER B 266 19.79 -11.79 16.17
CA SER B 266 19.15 -10.70 16.89
C SER B 266 18.31 -11.23 18.06
N THR B 267 17.61 -12.34 17.86
CA THR B 267 16.77 -12.94 18.90
C THR B 267 17.61 -13.92 19.72
N ALA B 268 18.55 -13.35 20.47
CA ALA B 268 19.46 -14.13 21.31
C ALA B 268 19.48 -13.54 22.71
N GLU B 269 19.34 -14.40 23.71
CA GLU B 269 19.32 -13.99 25.11
C GLU B 269 20.38 -14.76 25.87
N ILE B 270 21.39 -14.06 26.39
CA ILE B 270 22.47 -14.70 27.12
C ILE B 270 22.07 -15.07 28.55
N SER B 271 21.04 -14.41 29.10
CA SER B 271 20.52 -14.64 30.44
C SER B 271 21.45 -14.06 31.48
N THR B 272 20.98 -13.94 32.73
CA THR B 272 21.78 -13.32 33.77
C THR B 272 22.94 -14.22 34.20
N SER B 273 22.67 -15.53 34.34
CA SER B 273 23.72 -16.44 34.78
C SER B 273 24.86 -16.51 33.76
N GLY B 274 24.52 -16.42 32.47
CA GLY B 274 25.51 -16.51 31.42
C GLY B 274 25.87 -17.91 30.98
N ALA B 275 25.23 -18.93 31.54
CA ALA B 275 25.52 -20.32 31.20
C ALA B 275 24.57 -20.90 30.16
N VAL B 276 23.47 -20.23 29.86
CA VAL B 276 22.48 -20.70 28.90
C VAL B 276 22.29 -19.64 27.82
N LEU B 277 22.27 -20.09 26.56
CA LEU B 277 22.02 -19.22 25.42
C LEU B 277 20.72 -19.64 24.76
N LYS B 278 19.76 -18.73 24.69
CA LYS B 278 18.44 -18.99 24.14
C LYS B 278 18.26 -18.23 22.83
N ILE B 279 17.81 -18.94 21.80
CA ILE B 279 17.56 -18.35 20.48
C ILE B 279 16.09 -18.59 20.15
N PHE B 280 15.37 -17.51 19.87
CA PHE B 280 13.96 -17.57 19.49
C PHE B 280 13.80 -17.42 17.99
N ASN B 281 12.91 -18.21 17.40
CA ASN B 281 12.59 -18.17 15.97
C ASN B 281 13.87 -18.17 15.13
N ILE B 282 14.61 -19.28 15.21
CA ILE B 282 15.87 -19.40 14.49
C ILE B 282 15.63 -19.28 13.00
N GLN B 283 16.51 -18.56 12.32
CA GLN B 283 16.47 -18.42 10.87
C GLN B 283 17.47 -19.34 10.21
N LEU B 284 17.40 -19.42 8.88
CA LEU B 284 18.37 -20.22 8.14
C LEU B 284 19.77 -19.64 8.21
N GLU B 285 19.90 -18.35 8.54
CA GLU B 285 21.21 -17.73 8.61
C GLU B 285 21.99 -18.16 9.85
N ASP B 286 21.30 -18.60 10.90
CA ASP B 286 21.97 -18.86 12.17
C ASP B 286 22.81 -20.14 12.15
N GLU B 287 22.69 -20.97 11.12
CA GLU B 287 23.53 -22.15 10.99
C GLU B 287 25.01 -21.79 11.08
N GLY B 288 25.76 -22.61 11.80
CA GLY B 288 27.20 -22.42 11.87
C GLY B 288 27.73 -22.80 13.24
N LEU B 289 28.93 -22.31 13.54
CA LEU B 289 29.59 -22.63 14.79
C LEU B 289 29.32 -21.57 15.85
N TYR B 290 29.07 -22.03 17.07
CA TYR B 290 28.94 -21.17 18.23
C TYR B 290 30.00 -21.54 19.25
N GLU B 291 30.63 -20.52 19.84
CA GLU B 291 31.76 -20.70 20.73
C GLU B 291 31.43 -20.17 22.12
N CYS B 292 31.64 -21.01 23.12
CA CYS B 292 31.49 -20.67 24.52
C CYS B 292 32.88 -20.59 25.15
N GLU B 293 33.17 -19.47 25.82
CA GLU B 293 34.46 -19.23 26.42
C GLU B 293 34.29 -18.99 27.92
N ALA B 294 35.01 -19.76 28.72
CA ALA B 294 34.98 -19.63 30.18
C ALA B 294 36.32 -19.08 30.65
N GLU B 295 36.27 -18.02 31.47
CA GLU B 295 37.47 -17.33 31.94
C GLU B 295 37.46 -17.23 33.45
N ASN B 296 38.66 -17.29 34.02
CA ASN B 296 38.88 -16.95 35.43
C ASN B 296 40.28 -16.34 35.53
N ILE B 297 40.80 -16.25 36.75
CA ILE B 297 42.10 -15.62 36.94
C ILE B 297 43.22 -16.58 36.56
N ARG B 298 43.06 -17.88 36.83
CA ARG B 298 44.13 -18.83 36.58
C ARG B 298 44.24 -19.18 35.09
N GLY B 299 43.13 -19.52 34.45
CA GLY B 299 43.16 -19.93 33.07
C GLY B 299 41.84 -19.68 32.37
N LYS B 300 41.78 -20.09 31.10
CA LYS B 300 40.56 -19.97 30.31
C LYS B 300 40.41 -21.19 29.43
N ASP B 301 39.20 -21.37 28.89
CA ASP B 301 38.88 -22.49 28.03
C ASP B 301 37.85 -22.07 26.99
N LYS B 302 37.85 -22.76 25.86
CA LYS B 302 36.95 -22.49 24.76
C LYS B 302 36.35 -23.79 24.24
N HIS B 303 35.10 -23.71 23.78
CA HIS B 303 34.40 -24.87 23.24
C HIS B 303 33.56 -24.44 22.05
N GLN B 304 33.66 -25.15 20.94
CA GLN B 304 32.91 -24.86 19.73
C GLN B 304 31.90 -25.95 19.46
N ALA B 305 30.74 -25.57 18.91
CA ALA B 305 29.70 -26.53 18.57
C ALA B 305 29.01 -26.11 17.29
N ARG B 306 28.38 -27.10 16.64
CA ARG B 306 27.70 -26.92 15.36
C ARG B 306 26.21 -26.81 15.57
N ILE B 307 25.60 -25.80 14.95
CA ILE B 307 24.15 -25.61 14.95
C ILE B 307 23.69 -25.69 13.49
N TYR B 308 22.88 -26.70 13.20
CA TYR B 308 22.30 -26.90 11.88
C TYR B 308 20.83 -26.53 11.91
N VAL B 309 20.37 -25.86 10.86
CA VAL B 309 18.99 -25.37 10.78
C VAL B 309 18.24 -26.16 9.71
N GLN B 310 17.02 -26.54 10.03
CA GLN B 310 16.12 -27.25 9.15
C GLN B 310 14.77 -26.54 9.15
N ALA B 311 13.91 -26.92 8.21
CA ALA B 311 12.60 -26.30 8.09
C ALA B 311 11.56 -27.35 7.73
N PHE B 312 10.45 -27.37 8.47
CA PHE B 312 9.34 -28.26 8.15
C PHE B 312 8.78 -27.92 6.76
N PRO B 313 8.13 -28.88 6.11
CA PRO B 313 7.51 -28.58 4.82
C PRO B 313 6.38 -27.58 4.99
N GLU B 314 6.39 -26.55 4.15
CA GLU B 314 5.35 -25.52 4.16
C GLU B 314 4.78 -25.38 2.76
N TRP B 315 3.46 -25.27 2.68
CA TRP B 315 2.78 -25.23 1.39
C TRP B 315 3.04 -23.90 0.68
N VAL B 316 3.08 -23.97 -0.65
CA VAL B 316 3.18 -22.80 -1.51
C VAL B 316 1.91 -22.61 -2.32
N GLU B 317 1.40 -23.68 -2.93
CA GLU B 317 0.16 -23.66 -3.70
C GLU B 317 -0.61 -24.95 -3.39
N HIS B 318 -1.30 -24.95 -2.26
CA HIS B 318 -2.04 -26.13 -1.84
C HIS B 318 -3.28 -26.31 -2.73
N ILE B 319 -3.69 -27.56 -2.89
CA ILE B 319 -4.77 -27.91 -3.81
C ILE B 319 -6.11 -27.50 -3.22
N ASN B 320 -7.06 -27.18 -4.10
CA ASN B 320 -8.40 -26.79 -3.72
C ASN B 320 -9.39 -27.60 -4.55
N ASP B 321 -10.63 -27.69 -4.04
CA ASP B 321 -11.70 -28.37 -4.77
C ASP B 321 -11.76 -27.87 -6.20
N THR B 322 -11.56 -28.78 -7.15
CA THR B 322 -11.43 -28.41 -8.55
C THR B 322 -12.43 -29.20 -9.40
N GLU B 323 -12.87 -28.56 -10.49
CA GLU B 323 -13.85 -29.12 -11.41
C GLU B 323 -13.35 -28.93 -12.83
N VAL B 324 -13.24 -30.02 -13.58
CA VAL B 324 -12.63 -30.01 -14.91
C VAL B 324 -13.56 -30.71 -15.89
N ASP B 325 -13.37 -30.40 -17.17
CA ASP B 325 -14.15 -30.98 -18.24
C ASP B 325 -13.53 -32.30 -18.72
N ILE B 326 -14.34 -33.10 -19.41
CA ILE B 326 -13.91 -34.40 -19.90
C ILE B 326 -12.99 -34.22 -21.10
N GLY B 327 -12.05 -35.14 -21.25
CA GLY B 327 -11.12 -35.11 -22.36
C GLY B 327 -10.04 -34.05 -22.27
N SER B 328 -10.06 -33.21 -21.25
CA SER B 328 -9.09 -32.14 -21.08
C SER B 328 -7.97 -32.61 -20.17
N ASP B 329 -6.73 -32.36 -20.58
CA ASP B 329 -5.59 -32.72 -19.77
C ASP B 329 -5.55 -31.88 -18.50
N LEU B 330 -5.20 -32.52 -17.38
CA LEU B 330 -5.24 -31.87 -16.08
C LEU B 330 -3.86 -31.91 -15.43
N TYR B 331 -3.43 -30.78 -14.89
CA TYR B 331 -2.20 -30.68 -14.12
C TYR B 331 -2.53 -30.03 -12.78
N TRP B 332 -2.26 -30.74 -11.69
CA TRP B 332 -2.42 -30.19 -10.34
C TRP B 332 -1.08 -29.73 -9.81
N PRO B 333 -0.90 -28.43 -9.54
CA PRO B 333 0.35 -27.95 -8.94
C PRO B 333 0.34 -28.11 -7.44
N CYS B 334 1.16 -29.03 -6.93
CA CYS B 334 1.33 -29.25 -5.50
C CYS B 334 2.78 -28.98 -5.18
N ILE B 335 3.04 -27.89 -4.45
CA ILE B 335 4.39 -27.40 -4.20
C ILE B 335 4.57 -27.15 -2.71
N ALA B 336 5.64 -27.71 -2.14
CA ALA B 336 6.00 -27.47 -0.76
C ALA B 336 7.50 -27.16 -0.69
N THR B 337 7.89 -26.44 0.35
CA THR B 337 9.27 -26.02 0.54
C THR B 337 9.75 -26.38 1.93
N GLY B 338 10.99 -26.87 2.00
CA GLY B 338 11.64 -27.18 3.27
C GLY B 338 13.13 -27.19 3.07
N LYS B 339 13.86 -27.06 4.19
CA LYS B 339 15.31 -27.08 4.11
C LYS B 339 15.83 -28.35 3.45
N PRO B 340 15.38 -29.56 3.81
CA PRO B 340 15.60 -30.70 2.92
C PRO B 340 14.45 -30.83 1.93
N ILE B 341 14.77 -30.85 0.64
CA ILE B 341 13.76 -30.84 -0.42
C ILE B 341 12.72 -31.93 -0.16
N PRO B 342 11.45 -31.56 0.05
CA PRO B 342 10.44 -32.55 0.41
C PRO B 342 9.94 -33.34 -0.78
N THR B 343 9.63 -34.61 -0.53
CA THR B 343 9.05 -35.49 -1.52
C THR B 343 7.53 -35.35 -1.53
N ILE B 344 6.95 -35.48 -2.71
CA ILE B 344 5.52 -35.28 -2.95
C ILE B 344 4.90 -36.62 -3.31
N ARG B 345 3.77 -36.94 -2.69
CA ARG B 345 3.04 -38.17 -2.93
C ARG B 345 1.57 -37.84 -3.16
N TRP B 346 0.89 -38.69 -3.92
CA TRP B 346 -0.51 -38.47 -4.27
C TRP B 346 -1.31 -39.72 -3.95
N LEU B 347 -2.31 -39.57 -3.09
CA LEU B 347 -3.26 -40.63 -2.75
C LEU B 347 -4.60 -40.37 -3.42
N LYS B 348 -5.26 -41.45 -3.83
CA LYS B 348 -6.61 -41.40 -4.37
C LYS B 348 -7.50 -42.29 -3.53
N ASN B 349 -8.49 -41.69 -2.86
CA ASN B 349 -9.42 -42.41 -2.00
C ASN B 349 -8.69 -43.21 -0.92
N GLY B 350 -7.60 -42.64 -0.41
CA GLY B 350 -6.88 -43.24 0.70
C GLY B 350 -5.85 -44.29 0.33
N TYR B 351 -5.42 -44.34 -0.94
CA TYR B 351 -4.44 -45.31 -1.38
C TYR B 351 -3.44 -44.63 -2.31
N SER B 352 -2.19 -45.09 -2.26
CA SER B 352 -1.13 -44.51 -3.06
C SER B 352 -1.50 -44.51 -4.54
N TYR B 353 -1.22 -43.39 -5.21
CA TYR B 353 -1.59 -43.22 -6.60
C TYR B 353 -0.42 -42.72 -7.43
N HIS B 354 0.29 -41.70 -6.94
CA HIS B 354 1.35 -41.07 -7.73
C HIS B 354 2.52 -40.70 -6.82
N LYS B 355 3.69 -40.60 -7.44
CA LYS B 355 4.94 -40.30 -6.73
C LYS B 355 5.37 -38.84 -6.84
N GLY B 356 4.58 -37.99 -7.49
CA GLY B 356 4.89 -36.59 -7.62
C GLY B 356 4.59 -36.04 -9.00
N GLU B 357 4.24 -34.76 -9.06
CA GLU B 357 3.83 -34.08 -10.29
C GLU B 357 2.77 -34.88 -11.04
N LEU B 358 1.58 -34.93 -10.42
CA LEU B 358 0.46 -35.64 -11.01
C LEU B 358 -0.02 -34.93 -12.27
N ARG B 359 -0.12 -35.67 -13.36
CA ARG B 359 -0.61 -35.14 -14.64
C ARG B 359 -1.49 -36.18 -15.30
N LEU B 360 -2.70 -35.78 -15.67
CA LEU B 360 -3.70 -36.67 -16.24
C LEU B 360 -4.03 -36.24 -17.67
N TYR B 361 -4.29 -37.22 -18.52
CA TYR B 361 -4.69 -36.99 -19.91
C TYR B 361 -6.00 -37.69 -20.21
N ASP B 362 -6.80 -37.06 -21.06
CA ASP B 362 -8.11 -37.58 -21.45
C ASP B 362 -8.91 -37.96 -20.21
N VAL B 363 -9.13 -36.96 -19.34
CA VAL B 363 -9.79 -37.21 -18.08
C VAL B 363 -11.20 -37.73 -18.32
N THR B 364 -11.62 -38.68 -17.48
CA THR B 364 -12.93 -39.30 -17.58
C THR B 364 -13.58 -39.31 -16.21
N PHE B 365 -14.80 -39.86 -16.13
CA PHE B 365 -15.49 -39.95 -14.85
C PHE B 365 -14.74 -40.83 -13.85
N GLU B 366 -13.96 -41.80 -14.33
CA GLU B 366 -13.22 -42.67 -13.41
C GLU B 366 -12.22 -41.88 -12.58
N ASN B 367 -11.64 -40.82 -13.15
CA ASN B 367 -10.63 -40.05 -12.43
C ASN B 367 -11.23 -39.23 -11.30
N ALA B 368 -12.50 -38.87 -11.40
CA ALA B 368 -13.14 -38.04 -10.39
C ALA B 368 -13.12 -38.74 -9.02
N GLY B 369 -12.98 -37.95 -7.96
CA GLY B 369 -12.97 -38.51 -6.63
C GLY B 369 -12.30 -37.57 -5.64
N MET B 370 -11.66 -38.17 -4.63
CA MET B 370 -10.96 -37.44 -3.59
C MET B 370 -9.47 -37.68 -3.73
N TYR B 371 -8.69 -36.60 -3.81
CA TYR B 371 -7.25 -36.68 -4.01
C TYR B 371 -6.52 -35.96 -2.88
N GLN B 372 -5.43 -36.57 -2.42
CA GLN B 372 -4.70 -36.09 -1.26
C GLN B 372 -3.22 -35.97 -1.61
N CYS B 373 -2.70 -34.75 -1.57
CA CYS B 373 -1.29 -34.50 -1.83
C CYS B 373 -0.55 -34.41 -0.50
N ILE B 374 0.49 -35.23 -0.35
CA ILE B 374 1.32 -35.27 0.84
C ILE B 374 2.68 -34.72 0.48
N ALA B 375 3.21 -33.84 1.32
CA ALA B 375 4.55 -33.30 1.17
C ALA B 375 5.33 -33.62 2.44
N GLU B 376 6.34 -34.50 2.33
CA GLU B 376 7.06 -34.96 3.49
C GLU B 376 8.57 -34.88 3.25
N ASN B 377 9.29 -34.32 4.21
CA ASN B 377 10.73 -34.36 4.21
C ASN B 377 11.19 -35.42 5.22
N ALA B 378 12.45 -35.36 5.64
CA ALA B 378 12.97 -36.29 6.62
C ALA B 378 12.54 -35.96 8.04
N TYR B 379 11.84 -34.86 8.25
CA TYR B 379 11.47 -34.41 9.59
C TYR B 379 9.97 -34.38 9.83
N GLY B 380 9.18 -33.89 8.87
CA GLY B 380 7.74 -33.80 9.05
C GLY B 380 7.03 -34.03 7.74
N SER B 381 5.70 -34.21 7.84
CA SER B 381 4.86 -34.42 6.68
C SER B 381 3.59 -33.60 6.82
N ILE B 382 3.12 -33.04 5.71
CA ILE B 382 1.92 -32.23 5.68
C ILE B 382 0.97 -32.77 4.61
N TYR B 383 -0.31 -32.79 4.93
CA TYR B 383 -1.36 -33.29 4.04
C TYR B 383 -2.16 -32.13 3.45
N ALA B 384 -2.71 -32.36 2.26
CA ALA B 384 -3.63 -31.42 1.62
C ALA B 384 -4.69 -32.21 0.89
N ASN B 385 -5.95 -31.99 1.26
CA ASN B 385 -7.07 -32.77 0.72
C ASN B 385 -7.85 -31.92 -0.28
N ALA B 386 -8.34 -32.56 -1.34
CA ALA B 386 -9.13 -31.86 -2.34
C ALA B 386 -10.02 -32.87 -3.05
N GLU B 387 -10.97 -32.34 -3.81
CA GLU B 387 -11.92 -33.14 -4.58
C GLU B 387 -11.85 -32.76 -6.04
N LEU B 388 -11.74 -33.75 -6.91
CA LEU B 388 -11.72 -33.54 -8.35
C LEU B 388 -13.05 -34.00 -8.93
N LYS B 389 -13.79 -33.06 -9.51
CA LYS B 389 -15.07 -33.33 -10.13
C LYS B 389 -14.96 -33.17 -11.65
N ILE B 390 -15.76 -33.96 -12.36
CA ILE B 390 -15.76 -33.99 -13.82
C ILE B 390 -17.12 -33.50 -14.30
N LEU B 391 -17.10 -32.63 -15.33
CA LEU B 391 -18.31 -32.05 -15.89
C LEU B 391 -18.57 -32.60 -17.29
N ALA B 392 -19.82 -32.96 -17.56
CA ALA B 392 -20.26 -33.36 -18.89
C ALA B 392 -21.45 -32.48 -19.25
N LEU B 393 -21.29 -31.62 -20.26
CA LEU B 393 -22.33 -30.66 -20.60
C LEU B 393 -22.44 -30.52 -22.12
N ALA B 394 -23.67 -30.39 -22.60
CA ALA B 394 -23.91 -30.10 -24.00
C ALA B 394 -23.56 -28.64 -24.29
N PRO B 395 -23.15 -28.33 -25.52
CA PRO B 395 -22.76 -26.94 -25.82
C PRO B 395 -23.95 -25.99 -25.67
N THR B 396 -23.74 -24.89 -24.96
CA THR B 396 -24.77 -23.90 -24.72
C THR B 396 -24.17 -22.50 -24.84
N PHE B 397 -24.97 -21.58 -25.36
CA PHE B 397 -24.55 -20.19 -25.54
C PHE B 397 -25.28 -19.24 -24.59
N GLU B 398 -25.93 -19.78 -23.55
CA GLU B 398 -26.67 -18.91 -22.64
C GLU B 398 -25.76 -17.96 -21.88
N MET B 399 -24.59 -18.46 -21.46
CA MET B 399 -23.68 -17.62 -20.67
C MET B 399 -22.94 -16.62 -21.53
N ASN B 400 -22.40 -17.06 -22.67
CA ASN B 400 -21.65 -16.21 -23.59
C ASN B 400 -22.26 -16.30 -24.98
N PRO B 401 -23.41 -15.67 -25.20
CA PRO B 401 -24.03 -15.71 -26.53
C PRO B 401 -23.28 -14.86 -27.53
N MET B 402 -23.57 -15.10 -28.80
CA MET B 402 -22.96 -14.33 -29.87
C MET B 402 -23.41 -12.87 -29.81
N LYS B 403 -22.50 -11.97 -30.19
CA LYS B 403 -22.80 -10.56 -30.23
C LYS B 403 -23.78 -10.25 -31.36
N LYS B 404 -24.85 -9.53 -31.03
CA LYS B 404 -25.88 -9.25 -32.03
C LYS B 404 -25.31 -8.46 -33.21
N LYS B 405 -24.58 -7.38 -32.94
CA LYS B 405 -24.01 -6.53 -33.97
C LYS B 405 -22.50 -6.43 -33.79
N ILE B 406 -21.76 -6.64 -34.88
CA ILE B 406 -20.32 -6.52 -34.89
C ILE B 406 -19.95 -5.47 -35.94
N LEU B 407 -19.07 -4.55 -35.56
CA LEU B 407 -18.67 -3.45 -36.43
C LEU B 407 -17.28 -3.73 -37.00
N ALA B 408 -17.13 -3.50 -38.30
CA ALA B 408 -15.90 -3.77 -39.01
C ALA B 408 -15.62 -2.65 -40.00
N ALA B 409 -14.39 -2.63 -40.52
CA ALA B 409 -13.97 -1.65 -41.51
C ALA B 409 -13.25 -2.37 -42.64
N LYS B 410 -13.21 -1.72 -43.80
CA LYS B 410 -12.56 -2.30 -44.96
C LYS B 410 -11.05 -2.40 -44.73
N GLY B 411 -10.47 -3.49 -45.23
CA GLY B 411 -9.04 -3.71 -45.16
C GLY B 411 -8.49 -3.99 -43.77
N GLY B 412 -9.34 -4.20 -42.78
CA GLY B 412 -8.90 -4.50 -41.43
C GLY B 412 -9.38 -5.88 -41.00
N ARG B 413 -8.48 -6.63 -40.36
CA ARG B 413 -8.84 -7.97 -39.92
C ARG B 413 -9.81 -7.90 -38.75
N VAL B 414 -10.76 -8.84 -38.72
CA VAL B 414 -11.78 -8.91 -37.69
C VAL B 414 -11.91 -10.34 -37.19
N VAL B 415 -12.10 -10.49 -35.88
CA VAL B 415 -12.23 -11.79 -35.22
C VAL B 415 -13.56 -11.82 -34.47
N ILE B 416 -14.36 -12.84 -34.74
CA ILE B 416 -15.66 -13.02 -34.10
C ILE B 416 -15.54 -14.21 -33.14
N GLU B 417 -15.84 -13.97 -31.86
CA GLU B 417 -15.67 -14.98 -30.83
C GLU B 417 -16.94 -15.79 -30.66
N CYS B 418 -16.78 -17.13 -30.64
CA CYS B 418 -17.89 -18.07 -30.44
C CYS B 418 -17.42 -19.13 -29.43
N LYS B 419 -17.45 -18.77 -28.16
CA LYS B 419 -16.99 -19.66 -27.09
C LYS B 419 -18.17 -20.11 -26.24
N PRO B 420 -18.70 -21.30 -26.46
CA PRO B 420 -19.79 -21.82 -25.63
C PRO B 420 -19.26 -22.60 -24.42
N LYS B 421 -20.17 -22.91 -23.51
CA LYS B 421 -19.86 -23.70 -22.32
C LYS B 421 -20.07 -25.17 -22.69
N ALA B 422 -18.98 -25.84 -23.08
CA ALA B 422 -19.05 -27.24 -23.49
C ALA B 422 -17.91 -28.00 -22.83
N ALA B 423 -18.18 -29.26 -22.49
CA ALA B 423 -17.24 -30.05 -21.72
C ALA B 423 -16.16 -30.70 -22.58
N PRO B 424 -16.48 -31.53 -23.58
CA PRO B 424 -15.42 -32.31 -24.22
C PRO B 424 -14.72 -31.59 -25.37
N LYS B 425 -14.72 -30.25 -25.34
CA LYS B 425 -14.09 -29.44 -26.37
C LYS B 425 -14.66 -29.79 -27.74
N PRO B 426 -15.85 -29.30 -28.08
CA PRO B 426 -16.53 -29.76 -29.29
C PRO B 426 -15.90 -29.17 -30.55
N LYS B 427 -16.37 -29.66 -31.70
CA LYS B 427 -15.90 -29.17 -32.99
C LYS B 427 -16.74 -27.96 -33.42
N PHE B 428 -16.09 -27.03 -34.11
CA PHE B 428 -16.70 -25.77 -34.49
C PHE B 428 -16.82 -25.66 -36.00
N SER B 429 -17.90 -25.06 -36.46
CA SER B 429 -18.12 -24.77 -37.87
C SER B 429 -18.82 -23.42 -37.99
N TRP B 430 -18.64 -22.78 -39.14
CA TRP B 430 -19.24 -21.48 -39.41
C TRP B 430 -19.97 -21.52 -40.75
N SER B 431 -21.16 -20.93 -40.79
CA SER B 431 -21.97 -20.91 -42.01
C SER B 431 -22.53 -19.51 -42.19
N LYS B 432 -22.38 -18.96 -43.39
CA LYS B 432 -22.89 -17.62 -43.68
C LYS B 432 -24.37 -17.72 -44.05
N GLY B 433 -25.17 -18.06 -43.05
CA GLY B 433 -26.61 -18.18 -43.21
C GLY B 433 -27.02 -19.41 -44.00
N THR B 434 -26.79 -19.37 -45.32
CA THR B 434 -27.16 -20.46 -46.21
C THR B 434 -25.95 -21.10 -46.88
N GLU B 435 -24.74 -20.62 -46.61
CA GLU B 435 -23.53 -21.16 -47.20
C GLU B 435 -22.54 -21.53 -46.11
N TRP B 436 -21.85 -22.65 -46.29
CA TRP B 436 -20.88 -23.12 -45.31
C TRP B 436 -19.49 -22.59 -45.64
N LEU B 437 -18.78 -22.13 -44.62
CA LEU B 437 -17.44 -21.57 -44.78
C LEU B 437 -16.37 -22.63 -44.50
N VAL B 438 -15.23 -22.47 -45.16
CA VAL B 438 -14.09 -23.36 -45.02
C VAL B 438 -12.84 -22.52 -44.92
N ASN B 439 -11.72 -23.18 -44.60
CA ASN B 439 -10.44 -22.48 -44.51
C ASN B 439 -10.05 -21.92 -45.87
N SER B 440 -9.62 -20.66 -45.89
CA SER B 440 -9.30 -19.95 -47.11
C SER B 440 -8.09 -19.06 -46.85
N SER B 441 -7.76 -18.22 -47.82
CA SER B 441 -6.62 -17.32 -47.67
C SER B 441 -6.93 -16.20 -46.68
N ARG B 442 -7.98 -15.43 -46.95
CA ARG B 442 -8.37 -14.33 -46.09
C ARG B 442 -9.32 -14.75 -44.97
N ILE B 443 -9.95 -15.92 -45.08
CA ILE B 443 -10.89 -16.44 -44.10
C ILE B 443 -10.21 -17.60 -43.38
N LEU B 444 -10.08 -17.48 -42.06
CA LEU B 444 -9.41 -18.51 -41.26
C LEU B 444 -10.26 -18.87 -40.05
N ILE B 445 -10.43 -20.16 -39.80
CA ILE B 445 -11.16 -20.63 -38.64
C ILE B 445 -10.16 -21.32 -37.72
N TRP B 446 -9.70 -20.62 -36.68
CA TRP B 446 -8.83 -21.28 -35.72
C TRP B 446 -9.65 -22.20 -34.82
N GLU B 447 -8.93 -23.05 -34.08
CA GLU B 447 -9.55 -24.17 -33.39
C GLU B 447 -10.30 -23.76 -32.12
N ASP B 448 -10.07 -22.56 -31.60
CA ASP B 448 -10.76 -22.15 -30.39
C ASP B 448 -12.24 -21.85 -30.62
N GLY B 449 -12.68 -21.78 -31.87
CA GLY B 449 -14.07 -21.56 -32.21
C GLY B 449 -14.36 -20.23 -32.87
N SER B 450 -13.48 -19.25 -32.72
CA SER B 450 -13.68 -17.94 -33.32
C SER B 450 -13.37 -17.99 -34.81
N LEU B 451 -13.81 -16.94 -35.52
CA LEU B 451 -13.67 -16.83 -36.97
C LEU B 451 -12.90 -15.55 -37.31
N GLU B 452 -11.90 -15.67 -38.18
CA GLU B 452 -11.05 -14.57 -38.60
C GLU B 452 -11.32 -14.24 -40.06
N ILE B 453 -11.43 -12.95 -40.36
CA ILE B 453 -11.59 -12.47 -41.73
C ILE B 453 -10.60 -11.34 -41.96
N ASN B 454 -9.85 -11.42 -43.05
CA ASN B 454 -8.83 -10.43 -43.41
C ASN B 454 -9.21 -9.75 -44.71
N ASN B 455 -8.80 -8.49 -44.84
CA ASN B 455 -9.08 -7.68 -46.02
C ASN B 455 -10.59 -7.71 -46.34
N ILE B 456 -11.35 -7.10 -45.44
CA ILE B 456 -12.81 -7.16 -45.51
C ILE B 456 -13.33 -6.22 -46.58
N THR B 457 -14.45 -6.61 -47.19
CA THR B 457 -15.17 -5.82 -48.18
C THR B 457 -16.64 -5.79 -47.80
N ARG B 458 -17.40 -4.91 -48.46
CA ARG B 458 -18.82 -4.78 -48.16
C ARG B 458 -19.58 -6.07 -48.43
N ASN B 459 -19.08 -6.91 -49.33
CA ASN B 459 -19.74 -8.18 -49.60
C ASN B 459 -19.65 -9.14 -48.42
N ASP B 460 -18.73 -8.90 -47.49
CA ASP B 460 -18.58 -9.78 -46.34
C ASP B 460 -19.67 -9.58 -45.29
N GLY B 461 -20.20 -8.37 -45.19
CA GLY B 461 -21.23 -8.10 -44.19
C GLY B 461 -22.46 -8.97 -44.41
N GLY B 462 -23.04 -9.43 -43.31
CA GLY B 462 -24.21 -10.28 -43.39
C GLY B 462 -24.38 -11.08 -42.10
N ILE B 463 -25.16 -12.15 -42.20
CA ILE B 463 -25.52 -12.98 -41.06
C ILE B 463 -24.61 -14.20 -41.04
N TYR B 464 -23.93 -14.41 -39.92
CA TYR B 464 -23.06 -15.56 -39.72
C TYR B 464 -23.58 -16.40 -38.56
N THR B 465 -23.55 -17.72 -38.73
CA THR B 465 -24.03 -18.65 -37.72
C THR B 465 -22.89 -19.57 -37.32
N CYS B 466 -22.69 -19.70 -36.00
CA CYS B 466 -21.68 -20.56 -35.42
C CYS B 466 -22.36 -21.85 -34.94
N PHE B 467 -21.88 -22.99 -35.43
CA PHE B 467 -22.39 -24.29 -35.05
C PHE B 467 -21.32 -25.03 -34.24
N ALA B 468 -21.73 -25.62 -33.12
CA ALA B 468 -20.86 -26.39 -32.26
C ALA B 468 -21.41 -27.81 -32.15
N GLU B 469 -20.65 -28.78 -32.66
CA GLU B 469 -21.03 -30.18 -32.62
C GLU B 469 -20.27 -30.90 -31.52
N ASN B 470 -21.01 -31.58 -30.65
CA ASN B 470 -20.47 -32.26 -29.49
C ASN B 470 -20.95 -33.70 -29.45
N ASN B 471 -20.22 -34.53 -28.70
CA ASN B 471 -20.67 -35.89 -28.42
C ASN B 471 -22.07 -35.90 -27.84
N ARG B 472 -22.36 -34.97 -26.94
CA ARG B 472 -23.67 -34.84 -26.30
C ARG B 472 -24.31 -33.54 -26.78
N GLY B 473 -25.09 -33.64 -27.85
CA GLY B 473 -25.88 -32.52 -28.32
C GLY B 473 -25.12 -31.59 -29.25
N LYS B 474 -25.85 -30.62 -29.79
CA LYS B 474 -25.31 -29.63 -30.70
C LYS B 474 -25.87 -28.26 -30.33
N ALA B 475 -25.20 -27.21 -30.80
CA ALA B 475 -25.63 -25.84 -30.49
C ALA B 475 -25.45 -24.95 -31.70
N ASN B 476 -26.38 -24.02 -31.89
CA ASN B 476 -26.32 -23.06 -32.97
C ASN B 476 -26.52 -21.65 -32.44
N SER B 477 -25.70 -20.72 -32.90
CA SER B 477 -25.80 -19.32 -32.51
C SER B 477 -25.77 -18.44 -33.75
N THR B 478 -26.50 -17.32 -33.69
CA THR B 478 -26.65 -16.42 -34.82
C THR B 478 -26.06 -15.06 -34.49
N GLY B 479 -25.45 -14.42 -35.48
CA GLY B 479 -24.94 -13.06 -35.30
C GLY B 479 -24.97 -12.33 -36.62
N THR B 480 -24.94 -11.00 -36.53
CA THR B 480 -24.98 -10.12 -37.69
C THR B 480 -23.77 -9.20 -37.66
N LEU B 481 -23.04 -9.15 -38.78
CA LEU B 481 -21.85 -8.31 -38.92
C LEU B 481 -22.14 -7.26 -39.98
N VAL B 482 -21.97 -5.99 -39.60
CA VAL B 482 -22.13 -4.86 -40.50
C VAL B 482 -20.77 -4.22 -40.71
N ILE B 483 -20.52 -3.75 -41.92
CA ILE B 483 -19.23 -3.16 -42.28
C ILE B 483 -19.44 -1.69 -42.60
N THR B 484 -18.46 -0.86 -42.21
CA THR B 484 -18.51 0.58 -42.42
C THR B 484 -17.23 1.03 -43.11
N ASN B 485 -17.26 2.28 -43.57
CA ASN B 485 -16.09 2.85 -44.23
C ASN B 485 -14.96 3.05 -43.23
N PRO B 486 -13.71 2.94 -43.68
CA PRO B 486 -12.59 3.12 -42.76
C PRO B 486 -12.35 4.59 -42.44
N THR B 487 -11.81 4.83 -41.25
CA THR B 487 -11.49 6.18 -40.80
C THR B 487 -10.06 6.52 -41.20
N ARG B 488 -9.90 7.55 -42.00
CA ARG B 488 -8.60 7.98 -42.49
C ARG B 488 -8.42 9.46 -42.26
N ILE B 489 -7.21 9.95 -42.53
CA ILE B 489 -6.86 11.35 -42.30
C ILE B 489 -6.65 12.03 -43.64
N ILE B 490 -7.50 13.02 -43.95
CA ILE B 490 -7.39 13.73 -45.21
C ILE B 490 -6.26 14.74 -45.17
N LEU B 491 -6.25 15.60 -44.16
CA LEU B 491 -5.20 16.60 -43.97
C LEU B 491 -4.38 16.25 -42.74
N ALA B 492 -3.08 16.05 -42.95
CA ALA B 492 -2.15 15.70 -41.89
C ALA B 492 -1.45 16.94 -41.36
N PRO B 493 -0.86 16.88 -40.18
CA PRO B 493 -0.15 18.06 -39.65
C PRO B 493 1.18 18.28 -40.36
N ILE B 494 1.57 19.54 -40.46
CA ILE B 494 2.79 19.96 -41.15
C ILE B 494 3.82 20.34 -40.10
N ASN B 495 5.05 19.86 -40.29
CA ASN B 495 6.14 20.21 -39.39
C ASN B 495 6.38 21.71 -39.41
N ALA B 496 6.81 22.25 -38.27
CA ALA B 496 7.02 23.69 -38.13
C ALA B 496 8.23 23.95 -37.24
N ASP B 497 8.92 25.05 -37.53
CA ASP B 497 10.04 25.52 -36.72
C ASP B 497 9.81 26.98 -36.37
N ILE B 498 9.90 27.31 -35.08
CA ILE B 498 9.64 28.65 -34.58
C ILE B 498 10.60 28.93 -33.42
N THR B 499 10.58 30.17 -32.95
CA THR B 499 11.39 30.57 -31.79
C THR B 499 10.56 30.46 -30.50
N VAL B 500 11.17 30.82 -29.39
CA VAL B 500 10.50 30.74 -28.09
C VAL B 500 9.52 31.90 -27.94
N GLY B 501 8.33 31.58 -27.44
CA GLY B 501 7.30 32.58 -27.19
C GLY B 501 6.30 32.81 -28.31
N GLU B 502 6.37 32.03 -29.38
CA GLU B 502 5.46 32.22 -30.51
C GLU B 502 4.24 31.31 -30.39
N ASN B 503 3.27 31.56 -31.27
CA ASN B 503 2.03 30.80 -31.32
C ASN B 503 2.09 29.82 -32.49
N ALA B 504 1.77 28.55 -32.22
CA ALA B 504 1.82 27.51 -33.22
C ALA B 504 0.46 26.84 -33.37
N THR B 505 0.17 26.38 -34.59
CA THR B 505 -1.09 25.71 -34.90
C THR B 505 -0.81 24.40 -35.61
N MET B 506 -1.41 23.32 -35.10
CA MET B 506 -1.32 22.00 -35.70
C MET B 506 -2.68 21.62 -36.25
N GLN B 507 -2.72 21.22 -37.52
CA GLN B 507 -3.96 20.93 -38.23
C GLN B 507 -4.16 19.42 -38.34
N CYS B 508 -5.42 18.99 -38.20
CA CYS B 508 -5.78 17.59 -38.35
C CYS B 508 -7.22 17.49 -38.82
N ALA B 509 -7.45 16.81 -39.93
CA ALA B 509 -8.80 16.63 -40.47
C ALA B 509 -8.94 15.19 -40.95
N ALA B 510 -10.05 14.55 -40.61
CA ALA B 510 -10.24 13.14 -40.87
C ALA B 510 -11.59 12.89 -41.55
N SER B 511 -11.65 11.79 -42.30
CA SER B 511 -12.86 11.31 -42.92
C SER B 511 -13.26 9.98 -42.28
N PHE B 512 -14.56 9.83 -42.03
CA PHE B 512 -15.10 8.69 -41.30
C PHE B 512 -16.49 8.39 -41.81
N ASP B 513 -17.05 7.28 -41.34
CA ASP B 513 -18.41 6.90 -41.69
C ASP B 513 -19.40 7.68 -40.83
N PRO B 514 -20.44 8.28 -41.41
CA PRO B 514 -21.37 9.09 -40.60
C PRO B 514 -22.06 8.29 -39.51
N ALA B 515 -22.30 7.00 -39.72
CA ALA B 515 -22.96 6.18 -38.70
C ALA B 515 -22.13 6.09 -37.43
N LEU B 516 -20.80 6.11 -37.55
CA LEU B 516 -19.90 5.99 -36.42
C LEU B 516 -19.63 7.36 -35.81
N ASP B 517 -19.15 7.33 -34.56
CA ASP B 517 -18.78 8.54 -33.83
C ASP B 517 -17.26 8.67 -33.81
N LEU B 518 -16.77 9.86 -34.13
CA LEU B 518 -15.33 10.10 -34.25
C LEU B 518 -14.86 11.06 -33.16
N THR B 519 -13.67 10.79 -32.64
CA THR B 519 -13.01 11.67 -31.67
C THR B 519 -11.57 11.90 -32.12
N PHE B 520 -10.94 12.91 -31.53
CA PHE B 520 -9.55 13.25 -31.82
C PHE B 520 -8.74 13.18 -30.54
N VAL B 521 -7.58 12.53 -30.61
CA VAL B 521 -6.68 12.41 -29.46
C VAL B 521 -5.28 12.86 -29.90
N TRP B 522 -4.72 13.81 -29.17
CA TRP B 522 -3.37 14.29 -29.44
C TRP B 522 -2.40 13.66 -28.45
N SER B 523 -1.24 13.24 -28.96
CA SER B 523 -0.19 12.66 -28.15
C SER B 523 1.12 13.37 -28.45
N PHE B 524 1.96 13.50 -27.42
CA PHE B 524 3.23 14.20 -27.54
C PHE B 524 4.36 13.20 -27.29
N ASN B 525 5.18 12.97 -28.32
CA ASN B 525 6.35 12.11 -28.23
C ASN B 525 5.97 10.71 -27.74
N GLY B 526 4.91 10.17 -28.32
CA GLY B 526 4.45 8.84 -28.00
C GLY B 526 3.63 8.72 -26.73
N TYR B 527 3.37 9.82 -26.04
CA TYR B 527 2.59 9.81 -24.80
C TYR B 527 1.35 10.68 -25.00
N VAL B 528 0.18 10.13 -24.63
CA VAL B 528 -1.07 10.86 -24.79
C VAL B 528 -1.14 12.00 -23.78
N ILE B 529 -1.65 13.14 -24.22
CA ILE B 529 -1.86 14.29 -23.35
C ILE B 529 -3.21 14.14 -22.65
N ASP B 530 -3.22 14.36 -21.34
CA ASP B 530 -4.45 14.14 -20.57
C ASP B 530 -5.38 15.35 -20.59
N PHE B 531 -4.84 16.56 -20.64
CA PHE B 531 -5.61 17.81 -20.60
C PHE B 531 -6.42 17.96 -19.32
N ASN B 532 -6.10 17.19 -18.28
CA ASN B 532 -6.80 17.27 -17.01
C ASN B 532 -5.95 17.93 -15.93
N LYS B 533 -4.73 18.36 -16.27
CA LYS B 533 -3.86 19.05 -15.33
C LYS B 533 -3.71 20.50 -15.74
N GLU B 534 -3.58 21.37 -14.74
CA GLU B 534 -3.51 22.81 -15.00
C GLU B 534 -2.30 23.19 -15.82
N ILE B 535 -1.21 22.42 -15.73
CA ILE B 535 0.02 22.78 -16.42
C ILE B 535 -0.16 22.67 -17.93
N THR B 536 -0.83 21.62 -18.39
CA THR B 536 -0.99 21.40 -19.82
C THR B 536 -1.85 22.47 -20.48
N HIS B 537 -2.86 22.97 -19.76
CA HIS B 537 -3.77 23.97 -20.33
C HIS B 537 -3.09 25.31 -20.55
N ILE B 538 -1.97 25.58 -19.88
CA ILE B 538 -1.31 26.88 -20.00
C ILE B 538 -0.85 27.10 -21.43
N HIS B 539 -0.15 26.11 -21.99
CA HIS B 539 0.45 26.27 -23.31
C HIS B 539 -0.26 25.51 -24.41
N TYR B 540 -1.09 24.52 -24.07
CA TYR B 540 -1.80 23.71 -25.04
C TYR B 540 -3.29 23.96 -24.95
N GLN B 541 -3.93 24.08 -26.11
CA GLN B 541 -5.39 24.23 -26.18
C GLN B 541 -5.89 23.50 -27.41
N ARG B 542 -6.99 22.77 -27.25
CA ARG B 542 -7.66 22.05 -28.33
C ARG B 542 -8.83 22.86 -28.85
N ASN B 543 -8.88 23.11 -30.16
CA ASN B 543 -9.98 23.85 -30.75
C ASN B 543 -10.57 23.00 -31.86
N PHE B 544 -11.46 22.09 -31.46
CA PHE B 544 -12.10 21.19 -32.42
C PHE B 544 -13.32 21.91 -32.98
N MET B 545 -13.47 21.89 -34.30
CA MET B 545 -14.53 22.61 -34.96
C MET B 545 -14.97 21.84 -36.19
N LEU B 546 -16.13 22.24 -36.72
CA LEU B 546 -16.77 21.59 -37.85
C LEU B 546 -17.14 20.16 -37.45
N ASP B 547 -17.34 19.29 -38.43
CA ASP B 547 -17.61 17.89 -38.14
C ASP B 547 -16.35 17.03 -38.26
N ALA B 548 -15.25 17.59 -38.77
CA ALA B 548 -14.03 16.82 -38.97
C ALA B 548 -12.76 17.59 -38.67
N ASN B 549 -12.83 18.82 -38.18
CA ASN B 549 -11.63 19.62 -37.95
C ASN B 549 -11.23 19.53 -36.48
N GLY B 550 -9.98 19.18 -36.22
CA GLY B 550 -9.51 19.06 -34.86
C GLY B 550 -8.12 19.63 -34.68
N GLU B 551 -8.03 20.95 -34.62
CA GLU B 551 -6.74 21.61 -34.55
C GLU B 551 -6.31 21.86 -33.11
N LEU B 552 -5.01 22.07 -32.95
CA LEU B 552 -4.39 22.30 -31.65
C LEU B 552 -3.59 23.58 -31.70
N LEU B 553 -3.66 24.36 -30.63
CA LEU B 553 -2.97 25.65 -30.51
C LEU B 553 -1.96 25.58 -29.39
N ILE B 554 -0.76 26.08 -29.65
CA ILE B 554 0.33 26.15 -28.67
C ILE B 554 0.68 27.61 -28.45
N ARG B 555 0.66 28.03 -27.20
CA ARG B 555 0.93 29.41 -26.81
C ARG B 555 2.14 29.44 -25.89
N ASN B 556 2.93 30.51 -26.01
CA ASN B 556 4.13 30.72 -25.19
C ASN B 556 5.01 29.47 -25.19
N ALA B 557 5.41 29.08 -26.40
CA ALA B 557 6.20 27.86 -26.57
C ALA B 557 7.52 27.97 -25.84
N GLN B 558 8.00 26.84 -25.35
CA GLN B 558 9.28 26.75 -24.65
C GLN B 558 10.14 25.66 -25.31
N LEU B 559 11.38 25.55 -24.83
CA LEU B 559 12.31 24.58 -25.39
C LEU B 559 11.83 23.16 -25.19
N LYS B 560 11.28 22.86 -24.01
CA LYS B 560 10.83 21.51 -23.70
C LYS B 560 9.60 21.10 -24.52
N HIS B 561 8.90 22.06 -25.12
CA HIS B 561 7.70 21.75 -25.88
C HIS B 561 8.02 21.16 -27.24
N ALA B 562 9.19 21.48 -27.81
CA ALA B 562 9.56 20.97 -29.12
C ALA B 562 9.60 19.44 -29.10
N GLY B 563 9.11 18.84 -30.18
CA GLY B 563 9.10 17.39 -30.27
C GLY B 563 8.06 16.92 -31.28
N ARG B 564 7.63 15.68 -31.10
CA ARG B 564 6.74 15.00 -32.02
C ARG B 564 5.30 15.06 -31.53
N TYR B 565 4.40 15.57 -32.36
CA TYR B 565 2.98 15.64 -32.06
C TYR B 565 2.21 14.75 -33.01
N THR B 566 1.40 13.84 -32.46
CA THR B 566 0.65 12.88 -33.26
C THR B 566 -0.83 13.06 -33.01
N CYS B 567 -1.59 13.29 -34.08
CA CYS B 567 -3.05 13.35 -34.04
C CYS B 567 -3.62 11.99 -34.44
N THR B 568 -4.52 11.47 -33.62
CA THR B 568 -5.15 10.18 -33.88
C THR B 568 -6.66 10.37 -33.93
N ALA B 569 -7.25 10.08 -35.09
CA ALA B 569 -8.69 10.00 -35.22
C ALA B 569 -9.14 8.62 -34.75
N GLN B 570 -9.97 8.61 -33.71
CA GLN B 570 -10.37 7.38 -33.02
C GLN B 570 -11.87 7.17 -33.17
N THR B 571 -12.24 5.95 -33.58
CA THR B 571 -13.63 5.53 -33.63
C THR B 571 -13.72 4.11 -33.05
N ILE B 572 -14.95 3.60 -32.95
CA ILE B 572 -15.17 2.32 -32.28
C ILE B 572 -14.56 1.16 -33.04
N VAL B 573 -14.27 1.32 -34.33
CA VAL B 573 -13.77 0.22 -35.16
C VAL B 573 -12.25 0.25 -35.28
N ASP B 574 -11.68 1.41 -35.62
CA ASP B 574 -10.25 1.52 -35.82
C ASP B 574 -9.80 2.93 -35.44
N ASN B 575 -8.51 3.19 -35.57
CA ASN B 575 -7.94 4.50 -35.33
C ASN B 575 -6.84 4.77 -36.33
N SER B 576 -6.75 6.01 -36.80
CA SER B 576 -5.77 6.42 -37.79
C SER B 576 -4.94 7.57 -37.25
N SER B 577 -3.62 7.46 -37.36
CA SER B 577 -2.71 8.42 -36.76
C SER B 577 -1.84 9.09 -37.81
N ALA B 578 -1.49 10.34 -37.54
CA ALA B 578 -0.56 11.11 -38.38
C ALA B 578 0.26 12.01 -37.47
N SER B 579 1.57 12.03 -37.70
CA SER B 579 2.49 12.72 -36.81
C SER B 579 3.20 13.86 -37.53
N ALA B 580 3.74 14.77 -36.74
CA ALA B 580 4.51 15.90 -37.24
C ALA B 580 5.50 16.34 -36.18
N ASP B 581 6.38 17.27 -36.55
CA ASP B 581 7.46 17.72 -35.69
C ASP B 581 7.40 19.23 -35.49
N LEU B 582 7.74 19.67 -34.28
CA LEU B 582 7.78 21.07 -33.91
C LEU B 582 9.15 21.37 -33.32
N VAL B 583 9.85 22.32 -33.92
CA VAL B 583 11.19 22.71 -33.49
C VAL B 583 11.13 24.10 -32.87
N VAL B 584 11.81 24.27 -31.74
CA VAL B 584 11.85 25.53 -31.02
C VAL B 584 13.30 25.97 -30.91
N ARG B 585 13.59 27.20 -31.31
CA ARG B 585 14.94 27.76 -31.25
C ARG B 585 14.94 29.04 -30.41
N GLY B 586 16.13 29.48 -30.05
CA GLY B 586 16.30 30.69 -29.27
C GLY B 586 17.09 31.77 -29.98
C1 NAG C . -23.05 19.75 -6.92
C2 NAG C . -22.76 20.30 -5.54
C3 NAG C . -22.16 19.21 -4.66
C4 NAG C . -23.05 17.97 -4.67
C5 NAG C . -23.37 17.54 -6.10
C6 NAG C . -24.39 16.42 -6.20
C7 NAG C . -22.31 22.70 -5.81
C8 NAG C . -21.25 23.76 -5.86
N2 NAG C . -21.88 21.45 -5.61
O3 NAG C . -22.01 19.70 -3.33
O4 NAG C . -22.34 16.91 -4.01
O5 NAG C . -23.93 18.64 -6.82
O6 NAG C . -25.64 16.82 -5.66
O7 NAG C . -23.50 22.96 -5.94
C1 NAG C . -23.22 16.21 -3.11
C2 NAG C . -22.53 14.89 -2.72
C3 NAG C . -23.40 14.11 -1.75
C4 NAG C . -23.80 14.98 -0.56
C5 NAG C . -24.42 16.29 -1.04
C6 NAG C . -24.72 17.26 0.09
C7 NAG C . -23.11 13.58 -4.73
C8 NAG C . -22.58 12.79 -5.88
N2 NAG C . -22.21 14.10 -3.89
O3 NAG C . -22.69 12.96 -1.29
O4 NAG C . -24.73 14.28 0.24
O5 NAG C . -23.51 16.96 -1.93
O6 NAG C . -24.90 18.58 -0.40
O7 NAG C . -24.33 13.74 -4.57
C1 BMA C . -24.07 13.92 1.47
C2 BMA C . -25.10 14.08 2.59
C3 BMA C . -24.50 13.64 3.93
C4 BMA C . -23.86 12.25 3.81
C5 BMA C . -22.86 12.23 2.64
C6 BMA C . -22.20 10.87 2.44
O2 BMA C . -26.24 13.27 2.35
O3 BMA C . -25.50 13.66 4.95
O4 BMA C . -23.19 11.92 5.01
O5 BMA C . -23.57 12.58 1.44
O6 BMA C . -21.28 11.00 1.36
C1 MAN C . -25.37 14.84 5.77
C2 MAN C . -26.33 14.68 6.98
C3 MAN C . -27.78 14.79 6.51
C4 MAN C . -28.01 16.08 5.71
C5 MAN C . -27.02 16.14 4.54
C6 MAN C . -27.11 17.43 3.73
O2 MAN C . -26.15 15.71 7.94
O3 MAN C . -28.70 14.71 7.59
O4 MAN C . -29.33 16.11 5.20
O5 MAN C . -25.66 16.03 5.03
O6 MAN C . -28.45 17.56 3.26
C1 MAN C . -21.02 9.69 0.80
C2 MAN C . -19.92 9.86 -0.30
C3 MAN C . -20.52 10.53 -1.54
C4 MAN C . -21.80 9.83 -2.00
C5 MAN C . -22.81 9.80 -0.84
C6 MAN C . -24.10 9.07 -1.20
O2 MAN C . -19.43 8.60 -0.74
O3 MAN C . -19.58 10.59 -2.61
O4 MAN C . -22.37 10.52 -3.10
O5 MAN C . -22.22 9.11 0.29
O6 MAN C . -23.80 7.71 -1.47
C1 NAG D . 40.62 25.50 6.15
C2 NAG D . 39.93 26.85 5.90
C3 NAG D . 38.43 26.64 5.69
C4 NAG D . 38.18 25.61 4.59
C5 NAG D . 38.93 24.32 4.91
C6 NAG D . 38.83 23.29 3.80
C7 NAG D . 39.65 27.73 8.21
C8 NAG D . 40.03 28.82 9.15
N2 NAG D . 40.18 27.80 6.98
O3 NAG D . 37.83 27.89 5.34
O4 NAG D . 36.80 25.34 4.49
O5 NAG D . 40.33 24.60 5.08
O6 NAG D . 39.38 23.79 2.59
O7 NAG D . 38.88 26.81 8.54
C1 NAG D . 36.35 26.04 3.29
C2 NAG D . 35.26 25.22 2.60
C3 NAG D . 34.78 25.97 1.36
C4 NAG D . 34.36 27.39 1.72
C5 NAG D . 35.46 28.10 2.51
C6 NAG D . 35.03 29.45 3.03
C7 NAG D . 34.98 22.89 1.86
C8 NAG D . 35.67 21.61 1.52
N2 NAG D . 35.77 23.90 2.23
O3 NAG D . 33.68 25.28 0.78
O4 NAG D . 34.12 28.13 0.53
O5 NAG D . 35.82 27.31 3.65
O6 NAG D . 36.15 30.22 3.47
O7 NAG D . 33.76 23.01 1.79
C1 BMA D . 32.72 28.38 0.36
C2 BMA D . 32.61 29.20 -0.92
C3 BMA D . 31.16 29.44 -1.32
C4 BMA D . 30.36 28.11 -1.29
C5 BMA D . 30.58 27.37 0.04
C6 BMA D . 29.92 26.01 0.04
O2 BMA D . 33.22 28.51 -2.00
O3 BMA D . 31.07 29.99 -2.65
O4 BMA D . 28.98 28.38 -1.46
O5 BMA D . 31.99 27.18 0.24
O6 BMA D . 30.44 25.28 -1.08
C1 MAN D . 31.30 31.43 -2.77
C2 MAN D . 32.84 31.65 -3.17
C3 MAN D . 33.45 32.86 -2.46
C4 MAN D . 32.44 33.98 -2.44
C5 MAN D . 31.29 33.57 -1.49
C6 MAN D . 30.06 34.49 -1.54
O2 MAN D . 33.00 31.87 -4.57
O3 MAN D . 34.67 33.26 -3.06
O4 MAN D . 33.04 35.16 -1.93
O5 MAN D . 30.91 32.14 -1.59
O6 MAN D . 30.51 35.82 -1.78
C1 MAN D . 29.62 24.11 -1.31
C2 MAN D . 30.47 23.10 -2.13
C3 MAN D . 30.56 23.52 -3.60
C4 MAN D . 29.17 23.85 -4.17
C5 MAN D . 28.53 24.95 -3.32
C6 MAN D . 27.15 25.33 -3.80
O2 MAN D . 29.86 21.81 -2.14
O3 MAN D . 31.21 22.54 -4.40
O4 MAN D . 29.29 24.29 -5.52
O5 MAN D . 28.40 24.47 -1.97
O6 MAN D . 27.19 25.51 -5.22
C1 NAG E . 30.69 -32.38 -2.45
C2 NAG E . 30.38 -33.81 -2.85
C3 NAG E . 29.10 -34.30 -2.16
C4 NAG E . 29.19 -34.07 -0.65
C5 NAG E . 29.59 -32.63 -0.35
C6 NAG E . 29.83 -32.37 1.12
C7 NAG E . 31.31 -34.15 -5.10
C8 NAG E . 31.02 -34.25 -6.56
N2 NAG E . 30.26 -33.94 -4.30
O3 NAG E . 28.90 -35.66 -2.46
O4 NAG E . 27.94 -34.32 -0.02
O5 NAG E . 30.81 -32.30 -1.04
O6 NAG E . 30.93 -33.13 1.61
O7 NAG E . 32.46 -34.26 -4.66
C1 NAG E . 27.69 -35.69 0.35
C2 NAG E . 28.18 -36.04 1.75
C3 NAG E . 27.74 -37.45 2.15
C4 NAG E . 26.26 -37.63 1.93
C5 NAG E . 25.89 -37.27 0.50
C6 NAG E . 24.41 -37.37 0.22
C7 NAG E . 30.33 -36.01 2.98
C8 NAG E . 31.82 -35.85 2.87
N2 NAG E . 29.64 -35.91 1.85
O3 NAG E . 28.06 -37.68 3.53
O4 NAG E . 25.90 -38.99 2.17
O5 NAG E . 26.28 -35.91 0.25
O6 NAG E . 23.67 -36.49 1.05
O7 NAG E . 29.77 -36.21 4.06
C1 NAG F . 21.34 -33.89 56.81
C2 NAG F . 20.31 -33.72 57.93
C3 NAG F . 20.94 -33.97 59.31
C4 NAG F . 21.65 -35.32 59.32
C5 NAG F . 22.62 -35.41 58.13
C6 NAG F . 23.28 -36.77 58.01
C7 NAG F . 20.13 -31.20 58.01
C8 NAG F . 21.61 -31.07 58.24
N2 NAG F . 19.61 -32.43 57.88
O3 NAG F . 19.92 -33.95 60.30
O4 NAG F . 22.43 -35.44 60.51
O5 NAG F . 21.91 -35.20 56.89
O6 NAG F . 24.46 -36.84 58.80
O7 NAG F . 19.41 -30.19 57.96
C1 NAG F . 21.75 -36.24 61.49
C2 NAG F . 22.74 -36.51 62.62
C3 NAG F . 22.07 -37.31 63.73
C4 NAG F . 20.79 -36.61 64.19
C5 NAG F . 19.90 -36.30 63.00
C6 NAG F . 18.68 -35.48 63.36
C7 NAG F . 23.90 -38.44 61.55
C8 NAG F . 25.23 -38.98 61.12
N2 NAG F . 23.92 -37.22 62.12
O3 NAG F . 22.97 -37.46 64.82
O4 NAG F . 20.10 -37.41 65.13
O5 NAG F . 20.62 -35.54 62.02
O6 NAG F . 19.02 -34.38 64.20
O7 NAG F . 22.86 -39.07 61.41
C1 BMA F . 20.14 -36.71 66.40
C2 BMA F . 19.14 -37.38 67.34
C3 BMA F . 19.20 -36.71 68.71
C4 BMA F . 20.65 -36.60 69.23
C5 BMA F . 21.56 -35.98 68.15
C6 BMA F . 23.03 -35.94 68.56
O2 BMA F . 19.45 -38.75 67.53
O3 BMA F . 18.39 -37.39 69.67
O4 BMA F . 20.70 -35.82 70.40
O5 BMA F . 21.44 -36.75 66.95
O6 BMA F . 23.46 -37.28 68.76
C1 MAN F . 17.04 -36.90 69.62
C2 MAN F . 16.42 -37.14 71.01
C3 MAN F . 16.28 -38.64 71.26
C4 MAN F . 15.55 -39.34 70.09
C5 MAN F . 16.25 -38.99 68.76
C6 MAN F . 15.53 -39.55 67.55
O2 MAN F . 15.09 -36.60 71.09
O3 MAN F . 15.62 -38.91 72.49
O4 MAN F . 15.56 -40.74 70.28
O5 MAN F . 16.30 -37.56 68.61
O6 MAN F . 15.39 -40.96 67.72
C1 NAG G . 8.98 -19.57 21.71
C2 NAG G . 7.64 -20.20 21.37
C3 NAG G . 6.68 -19.12 20.88
C4 NAG G . 6.59 -17.97 21.89
C5 NAG G . 7.98 -17.48 22.29
C6 NAG G . 7.97 -16.49 23.42
C7 NAG G . 7.91 -22.54 20.70
C8 NAG G . 8.05 -23.48 19.54
N2 NAG G . 7.78 -21.25 20.38
O3 NAG G . 5.40 -19.69 20.67
O4 NAG G . 5.88 -16.90 21.29
O5 NAG G . 8.81 -18.58 22.70
O6 NAG G . 7.53 -15.20 22.99
O7 NAG G . 7.92 -22.93 21.86
C1 NAG G . 4.67 -16.47 21.98
C2 NAG G . 3.92 -17.67 22.62
C3 NAG G . 2.71 -17.17 23.44
C4 NAG G . 3.13 -16.09 24.42
C5 NAG G . 3.87 -14.97 23.70
C6 NAG G . 4.39 -13.90 24.63
C7 NAG G . 2.64 -18.37 20.62
C8 NAG G . 2.34 -19.51 19.70
N2 NAG G . 3.50 -18.64 21.62
O3 NAG G . 2.13 -18.27 24.12
O4 NAG G . 1.98 -15.56 25.06
O5 NAG G . 5.01 -15.51 23.01
O6 NAG G . 3.33 -13.19 25.25
O7 NAG G . 2.13 -17.27 20.47
C1 NAG H . -7.91 -23.84 -40.54
C2 NAG H . -7.59 -25.22 -39.95
C3 NAG H . -7.36 -25.13 -38.44
C4 NAG H . -6.32 -24.05 -38.12
C5 NAG H . -6.71 -22.73 -38.79
C6 NAG H . -5.68 -21.64 -38.60
C7 NAG H . -9.87 -26.31 -40.00
C8 NAG H . -10.45 -25.19 -39.20
N2 NAG H . -8.55 -26.25 -40.30
O3 NAG H . -6.93 -26.39 -37.94
O4 NAG H . -6.21 -23.88 -36.72
O5 NAG H . -6.87 -22.92 -40.20
O6 NAG H . -4.36 -22.18 -38.56
O7 NAG H . -10.57 -27.25 -40.37
C1 NAG H . -4.90 -24.34 -36.32
C2 NAG H . -4.37 -23.50 -35.17
C3 NAG H . -3.00 -24.02 -34.74
C4 NAG H . -3.04 -25.52 -34.47
C5 NAG H . -3.67 -26.27 -35.64
C6 NAG H . -3.87 -27.75 -35.37
C7 NAG H . -4.60 -21.11 -34.69
C8 NAG H . -5.04 -21.51 -33.31
N2 NAG H . -4.29 -22.10 -35.53
O3 NAG H . -2.55 -23.32 -33.58
O4 NAG H . -1.72 -26.00 -34.25
O5 NAG H . -4.96 -25.72 -35.94
O6 NAG H . -4.01 -28.02 -33.98
O7 NAG H . -4.52 -19.92 -35.02
C1 BMA H . -1.56 -26.36 -32.87
C2 BMA H . -0.11 -26.80 -32.74
C3 BMA H . 0.23 -27.13 -31.30
C4 BMA H . -0.22 -25.98 -30.35
C5 BMA H . -1.69 -25.60 -30.61
C6 BMA H . -2.14 -24.40 -29.79
O2 BMA H . 0.77 -25.76 -33.14
O3 BMA H . 1.64 -27.36 -31.14
O4 BMA H . -0.06 -26.38 -28.99
O5 BMA H . -1.85 -25.27 -31.99
O6 BMA H . -1.27 -23.31 -30.06
C1 MAN H . 1.98 -28.73 -31.42
C2 MAN H . 3.46 -28.93 -30.92
C3 MAN H . 4.46 -28.56 -32.02
C4 MAN H . 4.04 -29.15 -33.38
C5 MAN H . 2.71 -28.59 -33.78
C6 MAN H . 2.20 -29.17 -35.08
O2 MAN H . 3.73 -30.30 -30.61
O3 MAN H . 5.77 -29.02 -31.70
O4 MAN H . 5.04 -28.85 -34.36
O5 MAN H . 1.77 -29.07 -32.80
O6 MAN H . 0.97 -28.53 -35.39
C1 NAG I . -0.63 34.16 -28.99
C2 NAG I . -0.18 35.62 -28.88
C3 NAG I . -0.56 36.19 -27.51
C4 NAG I . -2.04 35.96 -27.22
C5 NAG I . -2.41 34.49 -27.44
C6 NAG I . -3.88 34.20 -27.31
C7 NAG I . 1.95 36.86 -29.12
C8 NAG I . 3.42 36.73 -29.35
N2 NAG I . 1.27 35.71 -29.10
O3 NAG I . -0.29 37.60 -27.50
O4 NAG I . -2.28 36.28 -25.86
O5 NAG I . -2.03 34.08 -28.77
O6 NAG I . -4.66 35.11 -28.07
O7 NAG I . 1.42 37.96 -28.95
C1 NAG I . -3.37 37.24 -25.65
C2 NAG I . -2.81 38.67 -25.82
C3 NAG I . -3.92 39.69 -25.60
C4 NAG I . -5.11 39.39 -26.50
C5 NAG I . -5.55 37.93 -26.35
C6 NAG I . -6.64 37.53 -27.32
C7 NAG I . -1.69 38.74 -23.60
C8 NAG I . -0.43 39.07 -22.87
N2 NAG I . -1.68 38.93 -24.92
O3 NAG I . -3.43 41.00 -25.87
O4 NAG I . -6.20 40.23 -26.17
O5 NAG I . -4.44 37.05 -26.58
O6 NAG I . -7.83 38.29 -27.11
O7 NAG I . -2.70 38.34 -23.01
C1 NAG J . -59.74 32.44 -15.87
C2 NAG J . -60.82 31.40 -15.59
C3 NAG J . -62.11 31.77 -16.32
C4 NAG J . -62.52 33.20 -16.00
C5 NAG J . -61.36 34.16 -16.23
C6 NAG J . -61.67 35.57 -15.78
C7 NAG J . -60.41 29.02 -15.15
C8 NAG J . -59.94 27.72 -15.73
N2 NAG J . -60.38 30.07 -15.98
O3 NAG J . -63.14 30.86 -15.96
O4 NAG J . -63.62 33.58 -16.81
O5 NAG J . -60.20 33.74 -15.48
O6 NAG J . -62.52 35.59 -14.65
O7 NAG J . -60.79 29.12 -13.99
C1 NAG K . 1.95 22.65 7.38
C2 NAG K . 2.44 21.37 6.71
C3 NAG K . 1.26 20.58 6.14
C4 NAG K . 0.21 20.34 7.22
C5 NAG K . -0.19 21.66 7.87
C6 NAG K . -1.14 21.49 9.03
C7 NAG K . 4.71 21.81 5.88
C8 NAG K . 5.55 22.12 4.68
N2 NAG K . 3.41 21.67 5.66
O3 NAG K . 1.72 19.33 5.63
O4 NAG K . -0.94 19.73 6.65
O5 NAG K . 0.98 22.32 8.39
O6 NAG K . -1.38 22.71 9.70
O7 NAG K . 5.20 21.69 7.01
C1 NAG L . 34.88 24.67 29.17
C2 NAG L . 36.13 24.81 30.02
C3 NAG L . 35.77 24.73 31.51
C4 NAG L . 34.67 25.72 31.84
C5 NAG L . 33.48 25.57 30.88
C6 NAG L . 32.44 26.64 31.08
C7 NAG L . 38.17 24.02 28.90
C8 NAG L . 39.07 22.86 28.65
N2 NAG L . 37.11 23.78 29.68
O3 NAG L . 36.93 24.98 32.29
O4 NAG L . 34.22 25.50 33.18
O5 NAG L . 33.94 25.68 29.53
O6 NAG L . 31.73 26.90 29.88
O7 NAG L . 38.38 25.12 28.40
C1 NAG M . -6.62 -22.29 -2.86
C2 NAG M . -5.71 -21.55 -3.84
C3 NAG M . -4.71 -20.68 -3.08
C4 NAG M . -5.44 -19.77 -2.10
C5 NAG M . -6.38 -20.58 -1.21
C6 NAG M . -7.22 -19.73 -0.29
C7 NAG M . -4.43 -22.12 -5.87
C8 NAG M . -3.76 -23.22 -6.64
N2 NAG M . -5.01 -22.47 -4.72
O3 NAG M . -3.95 -19.90 -3.99
O4 NAG M . -4.50 -19.08 -1.28
O5 NAG M . -7.28 -21.35 -2.01
O6 NAG M . -6.46 -18.66 0.26
O7 NAG M . -4.43 -20.96 -6.26
C1 NAG N . -30.86 -24.28 -32.99
C2 NAG N . -31.79 -24.86 -34.04
C3 NAG N . -33.24 -24.67 -33.62
C4 NAG N . -33.47 -25.25 -32.22
C5 NAG N . -32.45 -24.70 -31.24
C6 NAG N . -32.53 -25.35 -29.88
C7 NAG N . -31.26 -24.97 -36.44
C8 NAG N . -31.20 -26.46 -36.27
N2 NAG N . -31.56 -24.26 -35.35
O3 NAG N . -34.10 -25.30 -34.56
O4 NAG N . -34.79 -24.94 -31.78
O5 NAG N . -31.12 -24.91 -31.72
O6 NAG N . -32.25 -24.42 -28.84
O7 NAG N . -31.07 -24.44 -37.53
#